data_4M3X
#
_entry.id   4M3X
#
_cell.length_a   75.118
_cell.length_b   119.820
_cell.length_c   130.266
_cell.angle_alpha   90.00
_cell.angle_beta   90.00
_cell.angle_gamma   90.00
#
_symmetry.space_group_name_H-M   'P 21 21 21'
#
loop_
_entity.id
_entity.type
_entity.pdbx_description
1 polymer 'DNA polymerase'
2 polymer 'DNA template'
3 polymer 'DNA primer'
4 non-polymer "ADENOSINE-5'-TRIPHOSPHATE"
5 non-polymer 'CALCIUM ION'
6 water water
#
loop_
_entity_poly.entity_id
_entity_poly.type
_entity_poly.pdbx_seq_one_letter_code
_entity_poly.pdbx_strand_id
1 'polypeptide(L)'
;MKEFYLTVEQIGDSIFERYIDSNGRERTREVEYKPSLFAHCPESQATKYFDIYGKPCTRKLFANMRDASQWIKRMEDIGL
EALGMDDFKLAYLSDTYNYEIKYDHTKIRVANFDIEVTSPDGFPEPSQAKHPIDAITHYDSIDDRFYVFDLLNSPYGNVE
EWSIEIAAKLQEQGGDEVPSEIIDKIIYMPFDNEKELLMEYLNFWQQKTPVILTGWNVESFAIPYVYNRIKNIFGESTAK
RLSPHRKTRVKVIENMYGSREIITLFGISVLDYIDLYKKFSFTNQPSYSLDYISEFELNVGKLKYDGPISKLRESNHQRY
ISYNIIAVYRVLQIDAKRQFINLSLDMGYYAKIQIQSVFSPIKTWDAIIFNSLKEQNKVIPQGRSHPVQPYPGAFVKEPI
PNRYKYVMSFDLTSAYPSIIRQVNISPETIAGTFKVAPLHDYINAVAERPSDVYSCSPNGMMYYKDRDGVVPTEITKVFN
QRKEHKGYMLAAQRNGEIIKEALHNPNLSVDEPLDVDYRFDFSDEIKEKIKKLSAKSLNEMLFRAQRTEVAGMTAQINRK
ALINGLAGALGNVWFRYYDLRNATAITTFGQMALQWIERKVNEYLNEVCGTEGEAFVLYGDTDSIYVSADKIIDKVGESK
FRDTNHWVDFLDKFARERMEPAIDRGFREMCEYMNNKQHLMFMDREAIAGPPLGSKGIGGFWTGKKRYALNVWDMEGTRY
AEPKLKIMGLETQKSSTPKAVQKALKECIRRMLQEGEESLQEYFKEFEKEFRQLNYISIASVSSANNIAKYDVGGFPGPK
CPFHIRGILTYNRAIKGNIDAPQVVEGEKVYVLPLREGNPFGDKCIAWPSGTEITDLIKDDVLHWMDYTVLLEKTFIKPL
EGFTSAAKLDYEKKASLFDMFDF
;
A
2 'polydeoxyribonucleotide' (DT)(DC)(DG)(DT)(DG)(DT)(DA)(DA)(DG)(DC)(DA)(DG)(DT)(DC)(DC)(DG)(DC)(DG) T
3 'polydeoxyribonucleotide' (DG)(DC)(DG)(DG)(DA)(DC)(DT)(DG)(DT)(DT)(DT)(DA)(DC) P
#
loop_
_chem_comp.id
_chem_comp.type
_chem_comp.name
_chem_comp.formula
ATP non-polymer ADENOSINE-5'-TRIPHOSPHATE 'C10 H16 N5 O13 P3'
CA non-polymer 'CALCIUM ION' 'Ca 2'
DA DNA linking 2'-DEOXYADENOSINE-5'-MONOPHOSPHATE 'C10 H14 N5 O6 P'
DC DNA linking 2'-DEOXYCYTIDINE-5'-MONOPHOSPHATE 'C9 H14 N3 O7 P'
DG DNA linking 2'-DEOXYGUANOSINE-5'-MONOPHOSPHATE 'C10 H14 N5 O7 P'
DT DNA linking THYMIDINE-5'-MONOPHOSPHATE 'C10 H15 N2 O8 P'
#
# COMPACT_ATOMS: atom_id res chain seq x y z
N MET A 1 -21.11 -6.95 -27.31
CA MET A 1 -20.43 -6.14 -26.26
C MET A 1 -19.80 -4.88 -26.85
N LYS A 2 -19.50 -3.91 -25.98
CA LYS A 2 -18.68 -2.78 -26.36
C LYS A 2 -17.24 -3.25 -26.49
N GLU A 3 -16.49 -2.66 -27.41
CA GLU A 3 -15.08 -2.98 -27.57
C GLU A 3 -14.28 -2.31 -26.45
N PHE A 4 -13.16 -2.91 -26.07
CA PHE A 4 -12.24 -2.29 -25.14
C PHE A 4 -10.81 -2.69 -25.45
N TYR A 5 -9.91 -1.73 -25.27
CA TYR A 5 -8.48 -1.92 -25.52
C TYR A 5 -7.88 -2.82 -24.48
N LEU A 6 -6.75 -3.44 -24.85
CA LEU A 6 -5.94 -4.23 -23.92
C LEU A 6 -4.60 -3.51 -23.65
N THR A 7 -3.91 -3.19 -24.74
CA THR A 7 -2.65 -2.46 -24.67
C THR A 7 -2.57 -1.48 -25.81
N VAL A 8 -1.72 -0.47 -25.65
CA VAL A 8 -1.54 0.55 -26.67
C VAL A 8 -0.12 1.06 -26.59
N GLU A 9 0.46 1.34 -27.76
CA GLU A 9 1.83 1.82 -27.86
C GLU A 9 1.95 2.82 -29.01
N GLN A 10 2.79 3.83 -28.86
CA GLN A 10 3.24 4.61 -30.01
C GLN A 10 4.54 4.01 -30.50
N ILE A 11 4.62 3.70 -31.79
CA ILE A 11 5.89 3.30 -32.41
C ILE A 11 6.13 4.11 -33.69
N GLY A 12 6.98 5.12 -33.59
CA GLY A 12 7.13 6.08 -34.67
C GLY A 12 5.77 6.73 -34.92
N ASP A 13 5.28 6.65 -36.15
CA ASP A 13 4.02 7.31 -36.52
C ASP A 13 2.80 6.38 -36.47
N SER A 14 2.97 5.25 -35.79
CA SER A 14 1.91 4.27 -35.70
C SER A 14 1.51 4.02 -34.25
N ILE A 15 0.20 3.98 -34.01
CA ILE A 15 -0.30 3.42 -32.78
C ILE A 15 -0.43 1.94 -33.03
N PHE A 16 0.17 1.14 -32.15
CA PHE A 16 -0.12 -0.28 -32.09
C PHE A 16 -1.07 -0.55 -30.92
N GLU A 17 -2.19 -1.21 -31.22
CA GLU A 17 -3.23 -1.42 -30.23
C GLU A 17 -3.70 -2.85 -30.27
N ARG A 18 -3.75 -3.48 -29.10
CA ARG A 18 -4.35 -4.81 -28.99
C ARG A 18 -5.70 -4.58 -28.31
N TYR A 19 -6.77 -5.16 -28.85
CA TYR A 19 -8.10 -4.94 -28.28
C TYR A 19 -9.00 -6.16 -28.35
N ILE A 20 -10.12 -6.07 -27.64
CA ILE A 20 -11.19 -7.03 -27.71
C ILE A 20 -12.28 -6.38 -28.56
N ASP A 21 -12.57 -6.99 -29.71
CA ASP A 21 -13.54 -6.43 -30.65
C ASP A 21 -14.96 -6.76 -30.19
N SER A 22 -15.95 -6.44 -31.03
CA SER A 22 -17.36 -6.47 -30.60
C SER A 22 -17.91 -7.90 -30.39
N ASN A 23 -17.19 -8.90 -30.89
CA ASN A 23 -17.57 -10.30 -30.70
C ASN A 23 -16.74 -11.00 -29.61
N GLY A 24 -15.86 -10.25 -28.95
CA GLY A 24 -15.06 -10.81 -27.87
C GLY A 24 -13.75 -11.45 -28.31
N ARG A 25 -13.39 -11.28 -29.59
CA ARG A 25 -12.11 -11.77 -30.09
C ARG A 25 -10.98 -10.78 -29.80
N GLU A 26 -9.80 -11.30 -29.43
CA GLU A 26 -8.62 -10.47 -29.32
C GLU A 26 -8.13 -10.10 -30.72
N ARG A 27 -7.83 -8.81 -30.91
CA ARG A 27 -7.31 -8.32 -32.18
C ARG A 27 -6.12 -7.40 -31.96
N THR A 28 -5.41 -7.13 -33.04
CA THR A 28 -4.30 -6.20 -33.03
C THR A 28 -4.47 -5.34 -34.27
N ARG A 29 -4.04 -4.09 -34.19
CA ARG A 29 -4.10 -3.19 -35.35
C ARG A 29 -3.08 -2.07 -35.25
N GLU A 30 -2.62 -1.63 -36.41
CA GLU A 30 -1.68 -0.54 -36.52
C GLU A 30 -2.40 0.63 -37.12
N VAL A 31 -2.46 1.74 -36.41
CA VAL A 31 -3.21 2.89 -36.88
C VAL A 31 -2.27 4.08 -37.03
N GLU A 32 -2.36 4.73 -38.19
CA GLU A 32 -1.57 5.92 -38.47
C GLU A 32 -2.35 7.10 -37.95
N TYR A 33 -2.34 7.24 -36.64
CA TYR A 33 -3.14 8.22 -35.92
C TYR A 33 -2.58 9.62 -36.15
N LYS A 34 -3.46 10.51 -36.61
CA LYS A 34 -3.13 11.90 -36.83
C LYS A 34 -3.58 12.66 -35.59
N PRO A 35 -2.61 13.12 -34.77
CA PRO A 35 -3.00 13.76 -33.54
C PRO A 35 -3.35 15.20 -33.77
N SER A 36 -4.05 15.78 -32.80
CA SER A 36 -4.36 17.20 -32.80
C SER A 36 -3.75 17.85 -31.58
N LEU A 37 -3.15 19.03 -31.78
CA LEU A 37 -2.71 19.87 -30.69
C LEU A 37 -3.31 21.25 -30.89
N PHE A 38 -3.05 22.17 -29.98
CA PHE A 38 -3.77 23.43 -29.98
C PHE A 38 -2.86 24.62 -29.72
N ALA A 39 -3.25 25.76 -30.30
CA ALA A 39 -2.63 27.04 -30.01
C ALA A 39 -3.67 28.11 -29.69
N HIS A 40 -3.35 28.99 -28.75
CA HIS A 40 -4.17 30.18 -28.57
C HIS A 40 -4.38 30.83 -29.93
N CYS A 41 -5.53 31.46 -30.10
CA CYS A 41 -5.83 32.18 -31.33
C CYS A 41 -6.66 33.42 -30.99
N PRO A 42 -6.78 34.36 -31.93
CA PRO A 42 -7.51 35.60 -31.61
C PRO A 42 -9.01 35.40 -31.34
N GLU A 43 -9.62 36.38 -30.68
CA GLU A 43 -11.05 36.37 -30.34
C GLU A 43 -11.90 36.45 -31.61
N SER A 44 -11.42 37.22 -32.59
CA SER A 44 -12.09 37.33 -33.89
C SER A 44 -12.29 35.96 -34.57
N GLN A 45 -11.44 34.99 -34.24
CA GLN A 45 -11.51 33.64 -34.82
C GLN A 45 -12.54 32.76 -34.13
N ALA A 46 -13.49 32.26 -34.92
CA ALA A 46 -14.55 31.39 -34.43
C ALA A 46 -14.02 29.98 -34.20
N THR A 47 -14.30 29.44 -33.03
CA THR A 47 -13.89 28.09 -32.71
C THR A 47 -14.78 27.50 -31.62
N LYS A 48 -14.79 26.18 -31.50
CA LYS A 48 -15.45 25.54 -30.37
C LYS A 48 -14.44 25.13 -29.28
N TYR A 49 -13.14 25.28 -29.55
CA TYR A 49 -12.10 24.88 -28.59
C TYR A 49 -11.64 26.03 -27.71
N PHE A 50 -11.72 25.84 -26.39
CA PHE A 50 -11.23 26.83 -25.43
C PHE A 50 -10.31 26.20 -24.38
N ASP A 51 -9.28 26.94 -23.94
CA ASP A 51 -8.44 26.46 -22.84
C ASP A 51 -9.21 26.57 -21.53
N ILE A 52 -8.65 26.06 -20.44
CA ILE A 52 -9.42 25.90 -19.20
C ILE A 52 -9.80 27.24 -18.55
N TYR A 53 -9.15 28.32 -18.99
CA TYR A 53 -9.40 29.66 -18.50
C TYR A 53 -10.38 30.42 -19.38
N GLY A 54 -10.80 29.81 -20.47
CA GLY A 54 -11.82 30.39 -21.34
C GLY A 54 -11.28 31.14 -22.54
N LYS A 55 -9.98 31.01 -22.81
CA LYS A 55 -9.41 31.66 -23.98
C LYS A 55 -9.50 30.74 -25.22
N PRO A 56 -9.80 31.33 -26.39
CA PRO A 56 -9.99 30.56 -27.62
C PRO A 56 -8.74 29.90 -28.18
N CYS A 57 -8.90 28.67 -28.68
CA CYS A 57 -7.81 27.93 -29.32
C CYS A 57 -8.19 27.47 -30.74
N THR A 58 -7.19 27.39 -31.63
CA THR A 58 -7.32 26.71 -32.92
C THR A 58 -6.76 25.31 -32.75
N ARG A 59 -7.50 24.31 -33.22
CA ARG A 59 -6.95 22.96 -33.30
C ARG A 59 -5.97 22.86 -34.47
N LYS A 60 -4.86 22.18 -34.26
CA LYS A 60 -3.91 21.93 -35.32
C LYS A 60 -3.76 20.43 -35.53
N LEU A 61 -4.29 19.94 -36.66
CA LEU A 61 -4.26 18.52 -37.02
C LEU A 61 -2.96 18.27 -37.77
N PHE A 62 -2.16 17.32 -37.31
CA PHE A 62 -0.90 17.00 -37.96
C PHE A 62 -0.99 15.75 -38.83
N ALA A 63 -0.20 15.76 -39.91
CA ALA A 63 -0.08 14.62 -40.78
C ALA A 63 0.33 13.35 -40.03
N ASN A 64 1.06 13.51 -38.94
CA ASN A 64 1.55 12.36 -38.18
C ASN A 64 2.10 12.81 -36.85
N MET A 65 2.39 11.83 -35.99
CA MET A 65 2.76 12.10 -34.61
C MET A 65 4.12 12.74 -34.44
N ARG A 66 5.07 12.43 -35.32
CA ARG A 66 6.38 13.09 -35.24
C ARG A 66 6.27 14.57 -35.60
N ASP A 67 5.44 14.90 -36.59
CA ASP A 67 5.18 16.30 -36.92
C ASP A 67 4.65 17.06 -35.71
N ALA A 68 3.70 16.47 -34.99
CA ALA A 68 3.20 17.07 -33.75
C ALA A 68 4.31 17.33 -32.73
N SER A 69 5.23 16.37 -32.57
CA SER A 69 6.36 16.54 -31.66
C SER A 69 7.34 17.63 -32.15
N GLN A 70 7.62 17.66 -33.44
CA GLN A 70 8.53 18.68 -33.96
C GLN A 70 7.93 20.06 -33.72
N TRP A 71 6.61 20.15 -33.86
CA TRP A 71 5.87 21.38 -33.60
C TRP A 71 6.02 21.86 -32.15
N ILE A 72 5.86 20.93 -31.20
CA ILE A 72 6.02 21.27 -29.79
C ILE A 72 7.38 21.90 -29.54
N LYS A 73 8.45 21.28 -30.02
CA LYS A 73 9.81 21.83 -29.85
C LYS A 73 9.90 23.25 -30.39
N ARG A 74 9.37 23.43 -31.60
CA ARG A 74 9.44 24.70 -32.29
C ARG A 74 8.64 25.77 -31.59
N MET A 75 7.56 25.39 -30.92
CA MET A 75 6.76 26.33 -30.13
C MET A 75 7.50 26.77 -28.85
N GLU A 76 8.33 25.90 -28.30
CA GLU A 76 9.21 26.28 -27.20
C GLU A 76 10.29 27.24 -27.73
N ASP A 77 10.94 26.84 -28.82
CA ASP A 77 11.94 27.68 -29.50
C ASP A 77 11.40 29.09 -29.76
N ILE A 78 10.16 29.18 -30.22
CA ILE A 78 9.49 30.46 -30.41
C ILE A 78 9.17 31.10 -29.06
N GLY A 79 8.80 30.28 -28.09
CA GLY A 79 8.43 30.76 -26.74
C GLY A 79 6.93 30.93 -26.56
N LEU A 80 6.16 29.98 -27.09
CA LEU A 80 4.69 30.02 -26.99
C LEU A 80 4.16 28.66 -26.55
N GLU A 81 3.05 28.69 -25.82
CA GLU A 81 2.49 27.48 -25.25
C GLU A 81 1.92 26.60 -26.36
N ALA A 82 2.26 25.32 -26.29
CA ALA A 82 1.64 24.30 -27.15
C ALA A 82 0.69 23.48 -26.29
N LEU A 83 -0.61 23.63 -26.55
CA LEU A 83 -1.62 23.03 -25.70
C LEU A 83 -2.05 21.67 -26.21
N GLY A 84 -2.68 20.88 -25.34
CA GLY A 84 -3.26 19.60 -25.74
C GLY A 84 -2.51 18.39 -25.21
N MET A 85 -3.13 17.23 -25.31
CA MET A 85 -2.51 16.00 -24.84
C MET A 85 -1.32 15.64 -25.71
N ASP A 86 -0.14 15.88 -25.17
CA ASP A 86 1.12 15.54 -25.85
C ASP A 86 1.48 14.04 -25.73
N ASP A 87 0.81 13.28 -24.86
CA ASP A 87 0.99 11.82 -24.86
C ASP A 87 -0.05 11.25 -25.83
N PHE A 88 0.39 11.07 -27.07
CA PHE A 88 -0.53 10.81 -28.18
C PHE A 88 -1.35 9.55 -28.04
N LYS A 89 -0.79 8.50 -27.47
CA LYS A 89 -1.58 7.30 -27.26
C LYS A 89 -2.78 7.48 -26.32
N LEU A 90 -2.67 8.41 -25.36
CA LEU A 90 -3.82 8.72 -24.49
C LEU A 90 -4.92 9.47 -25.24
N ALA A 91 -4.54 10.30 -26.20
CA ALA A 91 -5.52 10.96 -27.07
C ALA A 91 -6.17 9.94 -28.02
N TYR A 92 -5.38 8.98 -28.48
CA TYR A 92 -5.87 7.87 -29.29
C TYR A 92 -6.95 7.07 -28.53
N LEU A 93 -6.70 6.75 -27.26
CA LEU A 93 -7.70 6.02 -26.47
C LEU A 93 -8.96 6.85 -26.26
N SER A 94 -8.77 8.15 -26.02
CA SER A 94 -9.90 9.04 -25.82
C SER A 94 -10.77 9.12 -27.07
N ASP A 95 -10.13 9.22 -28.23
CA ASP A 95 -10.84 9.26 -29.51
C ASP A 95 -11.52 7.92 -29.83
N THR A 96 -10.86 6.82 -29.47
CA THR A 96 -11.29 5.48 -29.90
C THR A 96 -12.33 4.87 -28.94
N TYR A 97 -12.15 5.13 -27.65
CA TYR A 97 -13.10 4.67 -26.62
C TYR A 97 -13.69 5.89 -25.94
N ASN A 98 -14.47 6.63 -26.72
CA ASN A 98 -15.10 7.84 -26.23
C ASN A 98 -16.40 7.52 -25.45
N TYR A 99 -16.27 6.71 -24.41
CA TYR A 99 -17.39 6.33 -23.54
C TYR A 99 -16.81 5.65 -22.31
N GLU A 100 -17.63 5.39 -21.31
CA GLU A 100 -17.15 4.66 -20.14
C GLU A 100 -16.89 3.22 -20.52
N ILE A 101 -15.67 2.76 -20.30
CA ILE A 101 -15.30 1.40 -20.66
C ILE A 101 -15.90 0.35 -19.73
N LYS A 102 -16.59 -0.61 -20.32
CA LYS A 102 -17.04 -1.78 -19.61
C LYS A 102 -16.15 -2.90 -20.11
N TYR A 103 -15.26 -3.38 -19.26
CA TYR A 103 -14.34 -4.41 -19.66
C TYR A 103 -14.82 -5.75 -19.11
N ASP A 104 -14.35 -6.82 -19.72
CA ASP A 104 -14.69 -8.18 -19.31
C ASP A 104 -13.37 -8.89 -19.08
N HIS A 105 -13.02 -9.08 -17.82
CA HIS A 105 -11.72 -9.62 -17.45
C HIS A 105 -11.48 -11.05 -17.96
N THR A 106 -12.54 -11.81 -18.22
CA THR A 106 -12.39 -13.20 -18.71
C THR A 106 -11.80 -13.23 -20.11
N LYS A 107 -11.82 -12.10 -20.82
CA LYS A 107 -11.18 -11.97 -22.13
C LYS A 107 -9.75 -11.44 -22.05
N ILE A 108 -9.31 -11.06 -20.86
CA ILE A 108 -7.98 -10.47 -20.70
C ILE A 108 -6.96 -11.55 -20.32
N ARG A 109 -5.92 -11.74 -21.14
CA ARG A 109 -4.93 -12.77 -20.83
C ARG A 109 -3.96 -12.32 -19.75
N VAL A 110 -4.15 -12.82 -18.53
CA VAL A 110 -3.25 -12.54 -17.41
C VAL A 110 -2.29 -13.72 -17.22
N ALA A 111 -1.00 -13.43 -17.35
CA ALA A 111 0.02 -14.45 -17.27
C ALA A 111 0.83 -14.25 -16.00
N ASN A 112 0.93 -15.31 -15.20
CA ASN A 112 1.78 -15.37 -14.04
C ASN A 112 2.91 -16.30 -14.37
N PHE A 113 4.14 -15.83 -14.28
CA PHE A 113 5.27 -16.74 -14.52
C PHE A 113 6.44 -16.57 -13.57
N ASP A 114 7.25 -17.61 -13.49
CA ASP A 114 8.44 -17.65 -12.65
C ASP A 114 9.42 -18.56 -13.35
N ILE A 115 10.71 -18.21 -13.32
CA ILE A 115 11.74 -19.05 -13.92
C ILE A 115 12.69 -19.57 -12.83
N GLU A 116 13.40 -20.65 -13.15
CA GLU A 116 14.49 -21.14 -12.29
C GLU A 116 15.77 -21.18 -13.12
N VAL A 117 16.89 -20.84 -12.47
CA VAL A 117 18.20 -20.75 -13.11
C VAL A 117 19.25 -21.23 -12.11
N THR A 118 19.86 -22.37 -12.38
CA THR A 118 20.92 -22.91 -11.52
C THR A 118 22.23 -22.14 -11.76
N SER A 119 22.86 -21.69 -10.68
CA SER A 119 24.09 -20.89 -10.75
C SER A 119 25.05 -21.22 -9.59
N PRO A 120 26.24 -21.77 -9.90
CA PRO A 120 27.25 -22.10 -8.88
C PRO A 120 28.10 -20.92 -8.40
N ASP A 121 28.30 -19.93 -9.26
CA ASP A 121 29.16 -18.78 -8.94
C ASP A 121 28.37 -17.55 -8.48
N GLY A 122 27.36 -17.75 -7.65
CA GLY A 122 26.61 -16.66 -7.06
C GLY A 122 25.35 -16.31 -7.81
N PHE A 123 24.81 -15.12 -7.51
CA PHE A 123 23.52 -14.71 -8.05
C PHE A 123 23.59 -14.49 -9.55
N PRO A 124 22.64 -15.08 -10.30
CA PRO A 124 22.64 -14.99 -11.76
C PRO A 124 22.17 -13.63 -12.27
N GLU A 125 23.10 -12.79 -12.73
CA GLU A 125 22.75 -11.45 -13.17
C GLU A 125 21.90 -11.46 -14.42
N PRO A 126 20.67 -10.92 -14.34
CA PRO A 126 19.84 -10.84 -15.54
C PRO A 126 20.49 -10.14 -16.74
N SER A 127 21.40 -9.20 -16.50
CA SER A 127 22.03 -8.49 -17.64
C SER A 127 23.09 -9.34 -18.36
N GLN A 128 23.66 -10.32 -17.67
CA GLN A 128 24.63 -11.24 -18.27
C GLN A 128 23.94 -12.49 -18.84
N ALA A 129 22.96 -13.02 -18.09
CA ALA A 129 22.29 -14.30 -18.37
C ALA A 129 23.21 -15.40 -18.90
N LYS A 130 24.30 -15.63 -18.18
CA LYS A 130 25.28 -16.60 -18.63
C LYS A 130 24.94 -18.06 -18.25
N HIS A 131 23.87 -18.26 -17.50
CA HIS A 131 23.48 -19.61 -17.06
C HIS A 131 22.18 -20.10 -17.70
N PRO A 132 22.06 -21.42 -17.94
CA PRO A 132 20.82 -21.89 -18.54
C PRO A 132 19.54 -21.60 -17.73
N ILE A 133 18.43 -21.44 -18.43
CA ILE A 133 17.14 -21.38 -17.80
C ILE A 133 16.71 -22.85 -17.72
N ASP A 134 16.49 -23.34 -16.50
CA ASP A 134 16.19 -24.77 -16.34
C ASP A 134 14.77 -25.05 -15.86
N ALA A 135 13.99 -24.01 -15.65
CA ALA A 135 12.56 -24.20 -15.41
C ALA A 135 11.78 -22.94 -15.66
N ILE A 136 10.65 -23.09 -16.33
CA ILE A 136 9.66 -22.03 -16.39
C ILE A 136 8.28 -22.59 -16.07
N THR A 137 7.60 -21.99 -15.11
CA THR A 137 6.18 -22.22 -14.97
C THR A 137 5.45 -20.94 -15.31
N HIS A 138 4.47 -21.09 -16.20
CA HIS A 138 3.72 -19.99 -16.76
C HIS A 138 2.24 -20.38 -16.64
N TYR A 139 1.53 -19.75 -15.70
CA TYR A 139 0.07 -19.92 -15.59
C TYR A 139 -0.66 -18.98 -16.55
N ASP A 140 -1.66 -19.50 -17.25
CA ASP A 140 -2.49 -18.69 -18.16
C ASP A 140 -3.92 -18.57 -17.62
N SER A 141 -4.42 -17.34 -17.48
CA SER A 141 -5.70 -17.06 -16.81
C SER A 141 -6.87 -17.52 -17.66
N ILE A 142 -6.71 -17.43 -18.98
CA ILE A 142 -7.74 -17.86 -19.92
C ILE A 142 -7.86 -19.40 -19.99
N ASP A 143 -6.74 -20.10 -20.13
CA ASP A 143 -6.77 -21.57 -20.12
C ASP A 143 -6.93 -22.13 -18.71
N ASP A 144 -6.58 -21.34 -17.71
CA ASP A 144 -6.56 -21.80 -16.33
C ASP A 144 -5.67 -23.04 -16.24
N ARG A 145 -4.46 -22.93 -16.80
CA ARG A 145 -3.51 -24.02 -16.77
C ARG A 145 -2.13 -23.51 -16.38
N PHE A 146 -1.38 -24.33 -15.65
CA PHE A 146 0.03 -24.06 -15.38
C PHE A 146 0.84 -24.84 -16.39
N TYR A 147 1.54 -24.13 -17.27
CA TYR A 147 2.40 -24.77 -18.26
C TYR A 147 3.83 -24.77 -17.75
N VAL A 148 4.38 -25.97 -17.59
CA VAL A 148 5.70 -26.20 -16.98
C VAL A 148 6.71 -26.63 -18.06
N PHE A 149 7.77 -25.82 -18.19
CA PHE A 149 8.84 -26.08 -19.15
C PHE A 149 10.06 -26.50 -18.35
N ASP A 150 10.38 -27.80 -18.41
CA ASP A 150 11.38 -28.45 -17.55
C ASP A 150 12.63 -28.91 -18.33
N LEU A 151 13.80 -28.37 -18.00
CA LEU A 151 15.03 -28.76 -18.71
C LEU A 151 15.64 -29.98 -18.04
N LEU A 152 15.78 -31.06 -18.79
CA LEU A 152 16.33 -32.32 -18.26
C LEU A 152 17.84 -32.43 -18.32
N ASN A 153 18.45 -31.70 -19.26
CA ASN A 153 19.90 -31.74 -19.51
C ASN A 153 20.55 -30.37 -19.61
N SER A 154 21.59 -30.16 -18.80
CA SER A 154 22.34 -28.93 -18.81
C SER A 154 23.75 -29.21 -18.36
N PRO A 155 24.68 -28.27 -18.59
CA PRO A 155 26.03 -28.31 -18.02
C PRO A 155 26.08 -28.61 -16.52
N TYR A 156 25.07 -28.18 -15.76
CA TYR A 156 25.09 -28.34 -14.30
C TYR A 156 24.37 -29.59 -13.79
N GLY A 157 23.95 -30.46 -14.70
CA GLY A 157 23.33 -31.72 -14.30
C GLY A 157 22.35 -32.22 -15.32
N ASN A 158 22.34 -33.55 -15.50
CA ASN A 158 21.26 -34.28 -16.17
C ASN A 158 20.31 -34.91 -15.15
N VAL A 159 19.02 -34.79 -15.39
CA VAL A 159 18.01 -35.20 -14.43
C VAL A 159 16.87 -35.92 -15.12
N GLU A 160 16.08 -36.59 -14.31
CA GLU A 160 14.90 -37.33 -14.74
C GLU A 160 13.66 -36.43 -14.79
N GLU A 161 12.61 -36.90 -15.45
CA GLU A 161 11.38 -36.16 -15.52
C GLU A 161 10.82 -35.94 -14.13
N TRP A 162 10.15 -34.81 -13.98
CA TRP A 162 9.39 -34.53 -12.76
C TRP A 162 8.18 -35.44 -12.75
N SER A 163 7.78 -35.91 -11.57
CA SER A 163 6.63 -36.80 -11.41
C SER A 163 5.45 -36.13 -10.69
N ILE A 164 4.35 -35.95 -11.41
CA ILE A 164 3.17 -35.30 -10.85
C ILE A 164 2.55 -36.11 -9.70
N GLU A 165 2.76 -37.42 -9.71
CA GLU A 165 2.21 -38.30 -8.68
C GLU A 165 2.95 -38.08 -7.36
N ILE A 166 4.27 -37.97 -7.44
CA ILE A 166 5.06 -37.64 -6.24
C ILE A 166 4.81 -36.19 -5.80
N ALA A 167 4.62 -35.29 -6.76
CA ALA A 167 4.33 -33.90 -6.43
C ALA A 167 3.06 -33.80 -5.59
N ALA A 168 2.05 -34.59 -5.96
CA ALA A 168 0.75 -34.57 -5.27
C ALA A 168 0.81 -35.10 -3.85
N LYS A 169 1.75 -36.00 -3.54
CA LYS A 169 1.75 -36.64 -2.22
C LYS A 169 2.16 -35.68 -1.10
N LEU A 170 1.84 -36.10 0.13
CA LEU A 170 2.20 -35.32 1.31
C LEU A 170 3.71 -35.21 1.50
N GLN A 171 4.17 -34.09 2.06
CA GLN A 171 5.58 -33.94 2.46
C GLN A 171 5.98 -35.14 3.30
N GLU A 172 5.02 -35.62 4.09
CA GLU A 172 5.21 -36.72 5.00
C GLU A 172 5.35 -38.09 4.31
N GLN A 173 4.92 -38.20 3.05
CA GLN A 173 5.21 -39.37 2.21
C GLN A 173 6.38 -39.12 1.29
N GLY A 174 7.18 -38.10 1.59
CA GLY A 174 8.29 -37.76 0.70
C GLY A 174 7.86 -37.04 -0.56
N GLY A 175 6.61 -36.57 -0.62
CA GLY A 175 6.13 -35.79 -1.75
C GLY A 175 6.31 -34.28 -1.54
N ASP A 176 5.73 -33.50 -2.45
CA ASP A 176 5.92 -32.05 -2.47
C ASP A 176 4.68 -31.26 -2.07
N GLU A 177 3.56 -31.96 -1.91
CA GLU A 177 2.30 -31.37 -1.44
C GLU A 177 1.85 -30.21 -2.35
N VAL A 178 2.08 -30.36 -3.65
CA VAL A 178 1.49 -29.46 -4.66
C VAL A 178 -0.02 -29.58 -4.51
N PRO A 179 -0.72 -28.44 -4.30
CA PRO A 179 -2.13 -28.51 -3.91
C PRO A 179 -2.95 -29.28 -4.92
N SER A 180 -3.85 -30.12 -4.42
CA SER A 180 -4.66 -30.97 -5.29
C SER A 180 -5.57 -30.18 -6.22
N GLU A 181 -5.99 -29.00 -5.78
CA GLU A 181 -6.84 -28.18 -6.64
C GLU A 181 -6.14 -27.69 -7.92
N ILE A 182 -4.81 -27.77 -8.00
CA ILE A 182 -4.13 -27.39 -9.27
C ILE A 182 -3.50 -28.56 -10.01
N ILE A 183 -3.48 -29.75 -9.40
CA ILE A 183 -2.78 -30.90 -9.97
C ILE A 183 -3.24 -31.20 -11.38
N ASP A 184 -4.55 -31.19 -11.57
CA ASP A 184 -5.17 -31.43 -12.86
C ASP A 184 -4.97 -30.30 -13.86
N LYS A 185 -4.56 -29.12 -13.40
CA LYS A 185 -4.34 -27.98 -14.32
C LYS A 185 -2.89 -27.89 -14.78
N ILE A 186 -2.09 -28.90 -14.46
CA ILE A 186 -0.68 -28.85 -14.83
C ILE A 186 -0.42 -29.51 -16.19
N ILE A 187 0.29 -28.81 -17.05
CA ILE A 187 0.62 -29.31 -18.37
C ILE A 187 2.13 -29.25 -18.43
N TYR A 188 2.76 -30.41 -18.36
CA TYR A 188 4.19 -30.51 -18.14
C TYR A 188 4.90 -30.87 -19.42
N MET A 189 5.96 -30.12 -19.77
CA MET A 189 6.73 -30.39 -20.98
C MET A 189 8.21 -30.46 -20.65
N PRO A 190 8.79 -31.67 -20.64
CA PRO A 190 10.23 -31.80 -20.47
C PRO A 190 10.95 -31.52 -21.78
N PHE A 191 12.24 -31.19 -21.72
CA PHE A 191 13.01 -30.82 -22.92
C PHE A 191 14.43 -31.35 -22.82
N ASP A 192 14.87 -32.00 -23.90
CA ASP A 192 16.25 -32.50 -24.04
C ASP A 192 17.28 -31.44 -23.74
N ASN A 193 17.05 -30.23 -24.27
CA ASN A 193 18.02 -29.15 -24.18
C ASN A 193 17.35 -27.76 -24.16
N GLU A 194 18.11 -26.77 -23.70
CA GLU A 194 17.59 -25.44 -23.44
C GLU A 194 17.10 -24.71 -24.71
N LYS A 195 17.82 -24.83 -25.81
CA LYS A 195 17.40 -24.17 -27.05
C LYS A 195 16.00 -24.59 -27.43
N GLU A 196 15.71 -25.89 -27.32
CA GLU A 196 14.37 -26.40 -27.62
C GLU A 196 13.30 -25.86 -26.66
N LEU A 197 13.60 -25.87 -25.36
CA LEU A 197 12.75 -25.27 -24.33
C LEU A 197 12.41 -23.81 -24.70
N LEU A 198 13.43 -23.03 -24.97
CA LEU A 198 13.24 -21.62 -25.25
C LEU A 198 12.42 -21.41 -26.52
N MET A 199 12.77 -22.12 -27.58
CA MET A 199 12.02 -22.02 -28.83
C MET A 199 10.55 -22.39 -28.64
N GLU A 200 10.31 -23.52 -27.97
CA GLU A 200 8.94 -23.92 -27.68
C GLU A 200 8.25 -22.84 -26.83
N TYR A 201 8.95 -22.31 -25.83
CA TYR A 201 8.39 -21.24 -24.98
C TYR A 201 7.92 -20.04 -25.80
N LEU A 202 8.77 -19.57 -26.71
CA LEU A 202 8.45 -18.46 -27.59
C LEU A 202 7.28 -18.77 -28.52
N ASN A 203 7.16 -20.03 -28.94
CA ASN A 203 6.03 -20.43 -29.80
C ASN A 203 4.73 -20.41 -29.04
N PHE A 204 4.82 -20.86 -27.79
CA PHE A 204 3.73 -20.84 -26.86
C PHE A 204 3.32 -19.40 -26.57
N TRP A 205 4.31 -18.56 -26.27
CA TRP A 205 4.09 -17.14 -25.97
C TRP A 205 3.35 -16.44 -27.10
N GLN A 206 3.75 -16.71 -28.34
CA GLN A 206 3.05 -16.15 -29.50
C GLN A 206 1.60 -16.63 -29.58
N GLN A 207 1.34 -17.88 -29.25
CA GLN A 207 -0.04 -18.38 -29.22
C GLN A 207 -0.84 -17.82 -28.08
N LYS A 208 -0.17 -17.51 -26.98
CA LYS A 208 -0.86 -17.09 -25.77
C LYS A 208 -0.16 -15.86 -25.23
N THR A 209 -0.26 -14.77 -25.97
CA THR A 209 0.55 -13.60 -25.68
C THR A 209 -0.06 -12.88 -24.48
N PRO A 210 0.75 -12.67 -23.44
CA PRO A 210 0.22 -12.01 -22.26
C PRO A 210 -0.21 -10.60 -22.55
N VAL A 211 -1.32 -10.20 -21.93
CA VAL A 211 -1.75 -8.82 -21.95
C VAL A 211 -1.23 -8.17 -20.69
N ILE A 212 -1.63 -8.72 -19.56
CA ILE A 212 -1.05 -8.39 -18.26
C ILE A 212 -0.02 -9.46 -17.95
N LEU A 213 1.17 -9.03 -17.53
CA LEU A 213 2.25 -9.95 -17.18
C LEU A 213 2.71 -9.69 -15.75
N THR A 214 2.58 -10.70 -14.89
CA THR A 214 2.87 -10.56 -13.47
C THR A 214 3.64 -11.77 -12.94
N GLY A 215 3.91 -11.75 -11.65
CA GLY A 215 4.80 -12.72 -11.00
C GLY A 215 5.53 -11.99 -9.87
N TRP A 216 6.57 -12.61 -9.33
CA TRP A 216 7.28 -12.03 -8.21
C TRP A 216 8.68 -11.62 -8.69
N ASN A 217 8.95 -10.31 -8.68
CA ASN A 217 10.14 -9.72 -9.27
C ASN A 217 10.33 -10.13 -10.71
N VAL A 218 9.25 -10.13 -11.49
CA VAL A 218 9.36 -10.49 -12.89
C VAL A 218 10.03 -9.37 -13.69
N GLU A 219 9.88 -8.14 -13.22
CA GLU A 219 10.38 -6.99 -13.95
C GLU A 219 11.88 -6.85 -13.76
N SER A 220 12.36 -7.14 -12.55
CA SER A 220 13.76 -6.97 -12.22
C SER A 220 14.58 -8.25 -12.45
N PHE A 221 13.93 -9.41 -12.44
CA PHE A 221 14.63 -10.66 -12.72
C PHE A 221 14.14 -11.48 -13.92
N ALA A 222 12.94 -12.06 -13.81
CA ALA A 222 12.46 -13.01 -14.83
C ALA A 222 12.47 -12.47 -16.25
N ILE A 223 11.86 -11.31 -16.46
CA ILE A 223 11.74 -10.75 -17.80
C ILE A 223 13.11 -10.42 -18.41
N PRO A 224 13.96 -9.68 -17.69
CA PRO A 224 15.29 -9.45 -18.29
C PRO A 224 16.12 -10.73 -18.46
N TYR A 225 16.06 -11.66 -17.53
CA TYR A 225 16.82 -12.90 -17.71
C TYR A 225 16.38 -13.62 -18.97
N VAL A 226 15.08 -13.79 -19.15
CA VAL A 226 14.59 -14.52 -20.30
C VAL A 226 14.97 -13.77 -21.58
N TYR A 227 14.78 -12.45 -21.59
CA TYR A 227 15.11 -11.64 -22.76
C TYR A 227 16.59 -11.74 -23.12
N ASN A 228 17.47 -11.54 -22.14
CA ASN A 228 18.91 -11.57 -22.40
C ASN A 228 19.46 -12.96 -22.65
N ARG A 229 18.87 -13.98 -22.00
CA ARG A 229 19.32 -15.36 -22.22
C ARG A 229 19.05 -15.79 -23.67
N ILE A 230 17.81 -15.58 -24.10
CA ILE A 230 17.38 -15.82 -25.48
C ILE A 230 18.20 -14.98 -26.46
N LYS A 231 18.39 -13.71 -26.12
CA LYS A 231 19.23 -12.81 -26.94
C LYS A 231 20.64 -13.36 -27.14
N ASN A 232 21.25 -13.88 -26.07
CA ASN A 232 22.61 -14.40 -26.14
C ASN A 232 22.72 -15.70 -26.92
N ILE A 233 21.69 -16.55 -26.87
CA ILE A 233 21.66 -17.82 -27.59
C ILE A 233 21.27 -17.69 -29.06
N PHE A 234 20.20 -16.94 -29.33
CA PHE A 234 19.63 -16.81 -30.69
C PHE A 234 19.78 -15.41 -31.34
N GLY A 235 20.17 -14.40 -30.58
CA GLY A 235 20.28 -13.04 -31.13
C GLY A 235 19.07 -12.19 -30.78
N GLU A 236 19.17 -10.89 -31.06
CA GLU A 236 18.15 -9.90 -30.69
C GLU A 236 16.77 -10.15 -31.30
N SER A 237 16.73 -10.34 -32.62
CA SER A 237 15.47 -10.48 -33.34
C SER A 237 14.58 -11.52 -32.67
N THR A 238 15.21 -12.58 -32.16
CA THR A 238 14.47 -13.67 -31.53
C THR A 238 13.95 -13.31 -30.15
N ALA A 239 14.79 -12.65 -29.33
CA ALA A 239 14.34 -12.19 -28.01
C ALA A 239 13.18 -11.20 -28.08
N LYS A 240 13.15 -10.41 -29.16
CA LYS A 240 12.10 -9.40 -29.33
C LYS A 240 10.72 -9.97 -29.59
N ARG A 241 10.67 -11.26 -29.92
CA ARG A 241 9.39 -11.97 -30.03
C ARG A 241 8.58 -12.05 -28.73
N LEU A 242 9.18 -11.65 -27.61
CA LEU A 242 8.43 -11.47 -26.37
C LEU A 242 7.53 -10.27 -26.41
N SER A 243 7.83 -9.34 -27.32
CA SER A 243 6.91 -8.27 -27.63
C SER A 243 6.07 -8.64 -28.83
N PRO A 244 4.73 -8.54 -28.74
CA PRO A 244 3.89 -8.81 -29.91
C PRO A 244 4.06 -7.82 -31.07
N HIS A 245 4.72 -6.69 -30.86
CA HIS A 245 5.06 -5.79 -31.98
C HIS A 245 6.54 -5.87 -32.35
N ARG A 246 7.29 -6.75 -31.68
CA ARG A 246 8.71 -6.92 -31.93
C ARG A 246 9.52 -5.69 -31.57
N LYS A 247 9.01 -4.86 -30.67
CA LYS A 247 9.75 -3.74 -30.15
C LYS A 247 10.00 -3.93 -28.65
N THR A 248 11.26 -3.74 -28.25
CA THR A 248 11.63 -3.72 -26.85
C THR A 248 12.67 -2.63 -26.59
N ARG A 249 12.68 -2.12 -25.37
CA ARG A 249 13.59 -1.06 -24.99
C ARG A 249 14.19 -1.38 -23.64
N VAL A 250 15.52 -1.42 -23.59
CA VAL A 250 16.25 -1.46 -22.34
C VAL A 250 15.99 -0.16 -21.61
N LYS A 251 15.28 -0.24 -20.48
CA LYS A 251 14.90 0.95 -19.73
C LYS A 251 15.63 1.01 -18.38
N VAL A 252 16.36 2.11 -18.18
CA VAL A 252 17.17 2.30 -16.98
C VAL A 252 16.35 3.00 -15.89
N ILE A 253 16.26 2.37 -14.72
CA ILE A 253 15.55 2.95 -13.57
C ILE A 253 16.52 3.68 -12.65
N GLU A 254 16.34 5.00 -12.52
CA GLU A 254 17.20 5.84 -11.69
C GLU A 254 16.59 6.16 -10.33
N ASN A 255 17.42 6.12 -9.29
CA ASN A 255 17.10 6.70 -7.99
C ASN A 255 18.28 7.53 -7.47
N MET A 256 18.16 8.08 -6.26
CA MET A 256 19.17 8.98 -5.70
C MET A 256 20.60 8.40 -5.70
N TYR A 257 20.74 7.09 -5.54
CA TYR A 257 22.05 6.44 -5.56
C TYR A 257 22.01 5.08 -6.27
N GLY A 258 22.46 5.06 -7.52
CA GLY A 258 22.50 3.83 -8.32
C GLY A 258 21.36 3.68 -9.31
N SER A 259 21.48 2.70 -10.21
CA SER A 259 20.45 2.43 -11.20
C SER A 259 20.53 0.99 -11.72
N ARG A 260 19.39 0.47 -12.13
CA ARG A 260 19.29 -0.88 -12.69
C ARG A 260 18.54 -0.79 -14.01
N GLU A 261 18.46 -1.92 -14.73
CA GLU A 261 17.80 -1.94 -16.03
C GLU A 261 16.69 -2.96 -16.15
N ILE A 262 15.63 -2.55 -16.83
CA ILE A 262 14.50 -3.42 -17.14
C ILE A 262 14.25 -3.41 -18.65
N ILE A 263 13.50 -4.39 -19.11
CA ILE A 263 13.21 -4.50 -20.51
C ILE A 263 11.74 -4.15 -20.70
N THR A 264 11.50 -3.06 -21.41
CA THR A 264 10.15 -2.66 -21.75
C THR A 264 9.72 -3.47 -22.98
N LEU A 265 8.68 -4.26 -22.81
CA LEU A 265 8.10 -5.01 -23.92
C LEU A 265 6.92 -4.22 -24.46
N PHE A 266 7.02 -3.69 -25.67
CA PHE A 266 5.88 -2.98 -26.25
C PHE A 266 4.74 -3.94 -26.49
N GLY A 267 3.54 -3.49 -26.12
CA GLY A 267 2.31 -4.27 -26.30
C GLY A 267 2.09 -5.30 -25.20
N ILE A 268 2.82 -5.18 -24.11
CA ILE A 268 2.57 -5.99 -22.91
C ILE A 268 2.47 -4.99 -21.76
N SER A 269 1.56 -5.24 -20.81
CA SER A 269 1.47 -4.45 -19.60
C SER A 269 2.00 -5.28 -18.42
N VAL A 270 3.21 -4.94 -17.98
CA VAL A 270 3.89 -5.63 -16.90
C VAL A 270 3.47 -5.01 -15.57
N LEU A 271 2.84 -5.82 -14.74
CA LEU A 271 2.52 -5.45 -13.37
C LEU A 271 3.17 -6.48 -12.46
N ASP A 272 4.39 -6.18 -12.05
CA ASP A 272 5.14 -6.99 -11.13
C ASP A 272 4.39 -7.01 -9.78
N TYR A 273 4.05 -8.21 -9.31
CA TYR A 273 3.21 -8.32 -8.10
C TYR A 273 3.89 -7.74 -6.88
N ILE A 274 5.21 -7.80 -6.81
CA ILE A 274 5.92 -7.20 -5.69
C ILE A 274 5.63 -5.69 -5.60
N ASP A 275 5.56 -5.03 -6.76
CA ASP A 275 5.26 -3.60 -6.81
C ASP A 275 3.78 -3.35 -6.60
N LEU A 276 2.92 -4.19 -7.18
CA LEU A 276 1.51 -4.14 -6.82
C LEU A 276 1.35 -4.22 -5.31
N TYR A 277 2.07 -5.17 -4.69
CA TYR A 277 1.97 -5.37 -3.25
C TYR A 277 2.48 -4.16 -2.46
N LYS A 278 3.61 -3.60 -2.88
CA LYS A 278 4.17 -2.46 -2.14
C LYS A 278 3.26 -1.25 -2.23
N LYS A 279 2.66 -1.00 -3.40
CA LYS A 279 1.78 0.16 -3.56
C LYS A 279 0.41 -0.03 -2.91
N PHE A 280 -0.23 -1.18 -3.16
CA PHE A 280 -1.64 -1.38 -2.78
C PHE A 280 -1.92 -2.08 -1.44
N SER A 281 -0.92 -2.69 -0.82
CA SER A 281 -1.19 -3.50 0.39
C SER A 281 -1.21 -2.73 1.69
N PHE A 282 -0.62 -1.53 1.71
CA PHE A 282 -0.47 -0.74 2.93
C PHE A 282 0.08 -1.56 4.07
N THR A 283 1.13 -2.30 3.74
CA THR A 283 1.95 -2.93 4.76
C THR A 283 3.37 -2.48 4.54
N ASN A 284 4.14 -2.44 5.62
CA ASN A 284 5.56 -2.28 5.52
C ASN A 284 6.14 -3.53 6.17
N GLN A 285 6.78 -4.37 5.36
CA GLN A 285 7.25 -5.69 5.80
C GLN A 285 8.75 -5.69 6.08
N PRO A 286 9.21 -6.58 6.95
CA PRO A 286 10.65 -6.74 7.19
C PRO A 286 11.34 -7.52 6.06
N SER A 287 10.57 -8.22 5.25
CA SER A 287 11.09 -8.93 4.09
C SER A 287 10.06 -9.01 2.98
N TYR A 288 10.54 -9.06 1.74
CA TYR A 288 9.69 -9.21 0.55
C TYR A 288 9.99 -10.46 -0.27
N SER A 289 10.61 -11.45 0.35
CA SER A 289 10.70 -12.76 -0.29
C SER A 289 9.28 -13.29 -0.44
N LEU A 290 9.08 -14.12 -1.44
CA LEU A 290 7.78 -14.67 -1.70
C LEU A 290 7.35 -15.55 -0.54
N ASP A 291 8.27 -16.30 0.04
CA ASP A 291 7.93 -17.22 1.15
C ASP A 291 7.47 -16.40 2.33
N TYR A 292 8.09 -15.25 2.55
CA TYR A 292 7.74 -14.42 3.69
C TYR A 292 6.38 -13.77 3.50
N ILE A 293 6.14 -13.19 2.33
CA ILE A 293 4.85 -12.58 2.06
C ILE A 293 3.74 -13.64 2.00
N SER A 294 4.05 -14.78 1.42
CA SER A 294 3.11 -15.90 1.40
C SER A 294 2.70 -16.29 2.80
N GLU A 295 3.68 -16.47 3.66
CA GLU A 295 3.42 -16.86 5.05
C GLU A 295 2.45 -15.84 5.66
N PHE A 296 2.76 -14.57 5.47
CA PHE A 296 1.98 -13.48 6.07
C PHE A 296 0.56 -13.43 5.52
N GLU A 297 0.41 -13.46 4.21
CA GLU A 297 -0.91 -13.32 3.62
C GLU A 297 -1.82 -14.55 3.79
N LEU A 298 -1.24 -15.75 3.66
CA LEU A 298 -2.02 -16.98 3.52
C LEU A 298 -1.86 -17.98 4.66
N ASN A 299 -0.87 -17.78 5.54
CA ASN A 299 -0.52 -18.72 6.62
C ASN A 299 -0.12 -20.07 6.06
N VAL A 300 0.66 -20.04 4.98
CA VAL A 300 1.13 -21.27 4.37
C VAL A 300 2.55 -21.44 4.81
N GLY A 301 2.94 -22.68 5.09
CA GLY A 301 4.25 -22.97 5.61
C GLY A 301 5.31 -22.64 4.58
N LYS A 302 6.42 -22.07 5.06
CA LYS A 302 7.59 -21.81 4.22
C LYS A 302 7.98 -23.09 3.43
N LEU A 303 8.40 -22.90 2.18
CA LEU A 303 8.78 -24.00 1.30
C LEU A 303 10.17 -24.54 1.66
N LYS A 304 10.20 -25.76 2.19
CA LYS A 304 11.38 -26.32 2.83
C LYS A 304 12.23 -27.17 1.87
N TYR A 305 13.55 -26.99 1.91
CA TYR A 305 14.48 -27.87 1.22
C TYR A 305 15.87 -27.81 1.87
N ASP A 306 16.68 -28.82 1.58
CA ASP A 306 18.03 -28.96 2.15
C ASP A 306 19.10 -28.49 1.16
N GLY A 307 20.19 -27.95 1.70
CA GLY A 307 21.28 -27.45 0.87
C GLY A 307 20.91 -26.15 0.20
N PRO A 308 21.87 -25.53 -0.50
CA PRO A 308 21.62 -24.24 -1.17
C PRO A 308 20.79 -24.40 -2.45
N ILE A 309 20.09 -23.34 -2.84
CA ILE A 309 19.31 -23.36 -4.09
C ILE A 309 20.20 -23.66 -5.30
N SER A 310 21.48 -23.29 -5.21
CA SER A 310 22.44 -23.59 -6.28
C SER A 310 22.68 -25.09 -6.49
N LYS A 311 22.31 -25.92 -5.51
CA LYS A 311 22.47 -27.38 -5.61
C LYS A 311 21.15 -28.16 -5.61
N LEU A 312 20.01 -27.46 -5.60
CA LEU A 312 18.72 -28.13 -5.42
C LEU A 312 18.30 -28.93 -6.63
N ARG A 313 18.56 -28.40 -7.82
CA ARG A 313 18.20 -29.10 -9.05
C ARG A 313 18.88 -30.47 -9.16
N GLU A 314 20.19 -30.52 -8.88
CA GLU A 314 20.92 -31.78 -9.08
C GLU A 314 20.67 -32.75 -7.93
N SER A 315 20.40 -32.23 -6.75
CA SER A 315 20.13 -33.10 -5.60
C SER A 315 18.66 -33.51 -5.54
N ASN A 316 17.76 -32.63 -5.97
CA ASN A 316 16.33 -32.92 -5.83
C ASN A 316 15.46 -32.17 -6.84
N HIS A 317 15.63 -32.58 -8.11
CA HIS A 317 14.91 -32.00 -9.23
C HIS A 317 13.38 -32.08 -9.08
N GLN A 318 12.92 -33.19 -8.51
CA GLN A 318 11.50 -33.36 -8.19
C GLN A 318 10.99 -32.14 -7.42
N ARG A 319 11.66 -31.82 -6.32
CA ARG A 319 11.26 -30.72 -5.44
C ARG A 319 11.54 -29.36 -6.09
N TYR A 320 12.64 -29.31 -6.83
CA TYR A 320 13.00 -28.12 -7.61
C TYR A 320 11.84 -27.65 -8.47
N ILE A 321 11.29 -28.58 -9.25
CA ILE A 321 10.22 -28.24 -10.20
C ILE A 321 8.91 -27.92 -9.47
N SER A 322 8.52 -28.76 -8.51
CA SER A 322 7.31 -28.53 -7.71
C SER A 322 7.29 -27.15 -7.05
N TYR A 323 8.44 -26.70 -6.55
CA TYR A 323 8.49 -25.45 -5.82
C TYR A 323 8.42 -24.29 -6.78
N ASN A 324 8.82 -24.51 -8.02
CA ASN A 324 8.64 -23.53 -9.09
C ASN A 324 7.16 -23.35 -9.41
N ILE A 325 6.39 -24.43 -9.39
CA ILE A 325 4.96 -24.38 -9.68
C ILE A 325 4.19 -23.77 -8.50
N ILE A 326 4.57 -24.16 -7.28
CA ILE A 326 3.93 -23.59 -6.09
C ILE A 326 4.22 -22.08 -5.98
N ALA A 327 5.44 -21.68 -6.32
CA ALA A 327 5.78 -20.25 -6.38
C ALA A 327 4.80 -19.42 -7.22
N VAL A 328 4.44 -19.92 -8.40
CA VAL A 328 3.47 -19.25 -9.27
C VAL A 328 2.06 -19.22 -8.66
N TYR A 329 1.64 -20.35 -8.11
CA TYR A 329 0.34 -20.45 -7.45
C TYR A 329 0.23 -19.51 -6.26
N ARG A 330 1.31 -19.31 -5.52
CA ARG A 330 1.27 -18.52 -4.30
C ARG A 330 0.86 -17.09 -4.66
N VAL A 331 1.46 -16.56 -5.71
CA VAL A 331 1.06 -15.25 -6.21
C VAL A 331 -0.41 -15.21 -6.59
N LEU A 332 -0.90 -16.22 -7.30
CA LEU A 332 -2.32 -16.30 -7.64
C LEU A 332 -3.22 -16.36 -6.39
N GLN A 333 -2.76 -17.04 -5.36
CA GLN A 333 -3.51 -17.12 -4.10
C GLN A 333 -3.50 -15.75 -3.40
N ILE A 334 -2.39 -15.04 -3.45
CA ILE A 334 -2.34 -13.69 -2.86
C ILE A 334 -3.30 -12.76 -3.61
N ASP A 335 -3.41 -12.91 -4.93
CA ASP A 335 -4.29 -12.06 -5.69
C ASP A 335 -5.75 -12.39 -5.47
N ALA A 336 -6.09 -13.68 -5.41
CA ALA A 336 -7.43 -14.14 -5.02
C ALA A 336 -7.91 -13.42 -3.80
N LYS A 337 -7.01 -13.25 -2.83
CA LYS A 337 -7.27 -12.50 -1.61
C LYS A 337 -7.25 -10.97 -1.78
N ARG A 338 -6.09 -10.41 -2.16
CA ARG A 338 -5.92 -8.94 -2.24
C ARG A 338 -6.63 -8.28 -3.40
N GLN A 339 -6.69 -8.97 -4.53
CA GLN A 339 -7.37 -8.49 -5.74
C GLN A 339 -6.74 -7.22 -6.32
N PHE A 340 -5.41 -7.19 -6.39
CA PHE A 340 -4.71 -6.03 -6.94
C PHE A 340 -4.78 -6.00 -8.46
N ILE A 341 -4.75 -7.15 -9.11
CA ILE A 341 -4.90 -7.20 -10.55
C ILE A 341 -6.26 -6.61 -10.92
N ASN A 342 -7.29 -7.10 -10.25
CA ASN A 342 -8.63 -6.57 -10.47
C ASN A 342 -8.69 -5.04 -10.23
N LEU A 343 -8.09 -4.58 -9.14
CA LEU A 343 -8.03 -3.16 -8.85
C LEU A 343 -7.33 -2.40 -9.97
N SER A 344 -6.24 -2.96 -10.48
CA SER A 344 -5.44 -2.27 -11.50
C SER A 344 -6.21 -2.08 -12.80
N LEU A 345 -6.99 -3.07 -13.19
CA LEU A 345 -7.79 -2.97 -14.42
C LEU A 345 -8.89 -1.91 -14.28
N ASP A 346 -9.62 -1.94 -13.16
CA ASP A 346 -10.62 -0.93 -12.83
C ASP A 346 -10.11 0.52 -12.99
N MET A 347 -8.96 0.83 -12.40
CA MET A 347 -8.46 2.20 -12.38
C MET A 347 -7.90 2.61 -13.74
N GLY A 348 -7.17 1.69 -14.37
CA GLY A 348 -6.60 1.93 -15.68
C GLY A 348 -7.66 2.13 -16.75
N TYR A 349 -8.72 1.32 -16.71
CA TYR A 349 -9.81 1.48 -17.68
C TYR A 349 -10.66 2.72 -17.36
N TYR A 350 -10.87 3.00 -16.09
CA TYR A 350 -11.59 4.23 -15.68
C TYR A 350 -10.85 5.46 -16.22
N ALA A 351 -9.53 5.47 -16.07
CA ALA A 351 -8.71 6.62 -16.48
C ALA A 351 -8.39 6.71 -17.99
N LYS A 352 -8.48 5.58 -18.69
CA LYS A 352 -8.07 5.42 -20.11
C LYS A 352 -6.56 5.61 -20.31
N ILE A 353 -5.82 4.83 -19.55
CA ILE A 353 -4.38 4.83 -19.57
C ILE A 353 -3.92 3.40 -19.83
N GLN A 354 -2.63 3.27 -20.15
CA GLN A 354 -1.99 1.97 -20.12
C GLN A 354 -2.11 1.45 -18.68
N ILE A 355 -2.46 0.17 -18.54
CA ILE A 355 -2.75 -0.43 -17.22
C ILE A 355 -1.55 -0.26 -16.27
N GLN A 356 -0.33 -0.39 -16.78
CA GLN A 356 0.87 -0.20 -15.95
C GLN A 356 1.03 1.25 -15.45
N SER A 357 0.31 2.20 -16.03
CA SER A 357 0.36 3.56 -15.49
C SER A 357 -0.41 3.72 -14.16
N VAL A 358 -1.16 2.70 -13.71
CA VAL A 358 -1.77 2.77 -12.35
C VAL A 358 -0.73 3.05 -11.25
N PHE A 359 0.53 2.70 -11.50
CA PHE A 359 1.63 3.03 -10.59
C PHE A 359 1.95 4.53 -10.49
N SER A 360 1.42 5.34 -11.41
CA SER A 360 1.66 6.76 -11.37
C SER A 360 0.35 7.51 -11.19
N PRO A 361 0.11 8.02 -9.99
CA PRO A 361 -1.08 8.84 -9.79
C PRO A 361 -1.08 10.12 -10.64
N ILE A 362 0.09 10.65 -10.97
CA ILE A 362 0.17 11.81 -11.87
C ILE A 362 -0.37 11.46 -13.26
N LYS A 363 0.11 10.36 -13.80
CA LYS A 363 -0.32 9.93 -15.12
C LYS A 363 -1.81 9.58 -15.09
N THR A 364 -2.23 8.93 -14.01
CA THR A 364 -3.62 8.51 -13.87
C THR A 364 -4.56 9.70 -13.89
N TRP A 365 -4.21 10.74 -13.13
CA TRP A 365 -5.04 11.91 -13.01
C TRP A 365 -4.91 12.82 -14.22
N ASP A 366 -3.75 12.81 -14.88
CA ASP A 366 -3.61 13.59 -16.11
C ASP A 366 -4.60 13.07 -17.15
N ALA A 367 -4.73 11.75 -17.23
CA ALA A 367 -5.67 11.12 -18.17
C ALA A 367 -7.12 11.30 -17.82
N ILE A 368 -7.45 11.29 -16.52
CA ILE A 368 -8.84 11.48 -16.09
C ILE A 368 -9.30 12.91 -16.36
N ILE A 369 -8.47 13.86 -15.96
CA ILE A 369 -8.77 15.25 -16.21
C ILE A 369 -8.78 15.60 -17.71
N PHE A 370 -7.89 14.99 -18.48
CA PHE A 370 -7.87 15.26 -19.93
C PHE A 370 -9.18 14.81 -20.56
N ASN A 371 -9.57 13.55 -20.29
CA ASN A 371 -10.83 13.00 -20.82
C ASN A 371 -12.05 13.77 -20.34
N SER A 372 -12.02 14.21 -19.09
CA SER A 372 -13.12 15.01 -18.58
C SER A 372 -13.25 16.33 -19.32
N LEU A 373 -12.12 17.01 -19.54
CA LEU A 373 -12.13 18.34 -20.21
C LEU A 373 -12.48 18.21 -21.71
N LYS A 374 -11.90 17.21 -22.38
CA LYS A 374 -12.20 16.93 -23.78
C LYS A 374 -13.69 16.78 -24.11
N GLU A 375 -14.45 16.14 -23.22
CA GLU A 375 -15.94 16.09 -23.32
C GLU A 375 -16.63 17.45 -23.48
N GLN A 376 -15.99 18.51 -23.02
CA GLN A 376 -16.58 19.85 -23.13
C GLN A 376 -15.83 20.70 -24.15
N ASN A 377 -15.08 20.04 -25.05
CA ASN A 377 -14.27 20.75 -26.05
C ASN A 377 -13.29 21.74 -25.42
N LYS A 378 -12.78 21.40 -24.24
CA LYS A 378 -11.77 22.21 -23.59
C LYS A 378 -10.41 21.59 -23.83
N VAL A 379 -9.40 22.43 -23.73
CA VAL A 379 -8.03 22.10 -24.12
C VAL A 379 -7.09 22.28 -22.94
N ILE A 380 -6.40 21.21 -22.58
CA ILE A 380 -5.53 21.20 -21.39
C ILE A 380 -4.28 22.04 -21.64
N PRO A 381 -3.71 22.64 -20.58
CA PRO A 381 -2.48 23.43 -20.76
C PRO A 381 -1.25 22.56 -20.97
N GLN A 382 -0.19 23.19 -21.49
CA GLN A 382 1.09 22.51 -21.63
C GLN A 382 1.71 22.35 -20.26
N GLY A 383 2.46 21.27 -20.07
CA GLY A 383 3.23 21.10 -18.84
C GLY A 383 4.46 21.99 -18.87
N ARG A 384 4.75 22.66 -17.75
CA ARG A 384 5.92 23.52 -17.64
C ARG A 384 6.90 22.99 -16.61
N SER A 385 8.15 23.44 -16.73
CA SER A 385 9.20 23.13 -15.79
C SER A 385 9.01 23.96 -14.51
N HIS A 386 9.16 23.31 -13.37
CA HIS A 386 9.13 24.03 -12.09
C HIS A 386 10.26 23.55 -11.19
N PRO A 387 10.89 24.49 -10.45
CA PRO A 387 11.88 24.14 -9.43
C PRO A 387 11.21 23.59 -8.19
N VAL A 388 11.75 22.51 -7.61
CA VAL A 388 11.16 21.95 -6.39
C VAL A 388 11.29 22.97 -5.27
N GLN A 389 10.18 23.24 -4.60
CA GLN A 389 10.13 24.17 -3.48
C GLN A 389 9.42 23.50 -2.30
N PRO A 390 9.95 23.61 -1.07
CA PRO A 390 9.18 23.04 0.05
C PRO A 390 7.88 23.82 0.29
N TYR A 391 6.89 23.19 0.90
CA TYR A 391 5.69 23.92 1.29
C TYR A 391 5.04 23.29 2.52
N PRO A 392 4.22 24.06 3.26
CA PRO A 392 3.73 23.62 4.55
C PRO A 392 2.57 22.65 4.44
N GLY A 393 2.45 21.81 5.45
CA GLY A 393 1.49 20.71 5.45
C GLY A 393 0.54 20.78 6.65
N ALA A 394 0.37 19.66 7.33
CA ALA A 394 -0.66 19.56 8.35
C ALA A 394 -0.21 20.05 9.71
N PHE A 395 -1.19 20.33 10.57
CA PHE A 395 -0.95 20.65 11.95
C PHE A 395 -1.08 19.42 12.82
N VAL A 396 -0.12 19.25 13.74
CA VAL A 396 -0.13 18.16 14.70
C VAL A 396 0.02 18.77 16.09
N LYS A 397 -0.92 18.45 16.97
CA LYS A 397 -0.96 19.03 18.30
C LYS A 397 0.01 18.30 19.21
N GLU A 398 0.67 19.06 20.09
CA GLU A 398 1.57 18.47 21.08
C GLU A 398 0.76 17.94 22.27
N PRO A 399 0.71 16.59 22.45
CA PRO A 399 -0.03 16.02 23.56
C PRO A 399 0.74 16.09 24.86
N ILE A 400 0.02 16.17 25.97
CA ILE A 400 0.67 16.04 27.26
C ILE A 400 0.82 14.54 27.50
N PRO A 401 2.06 14.04 27.58
CA PRO A 401 2.22 12.60 27.77
C PRO A 401 1.55 12.15 29.05
N ASN A 402 0.73 11.14 28.96
CA ASN A 402 -0.06 10.72 30.10
C ASN A 402 -0.88 9.53 29.74
N ARG A 403 -1.40 8.85 30.76
CA ARG A 403 -2.52 7.94 30.58
C ARG A 403 -3.72 8.82 30.31
N TYR A 404 -4.64 8.30 29.51
CA TYR A 404 -5.96 8.91 29.31
C TYR A 404 -6.97 7.77 29.31
N LYS A 405 -7.87 7.80 30.28
CA LYS A 405 -8.75 6.67 30.59
C LYS A 405 -9.86 6.44 29.56
N TYR A 406 -10.72 7.45 29.37
CA TYR A 406 -11.83 7.36 28.44
C TYR A 406 -11.59 8.36 27.31
N VAL A 407 -11.60 7.85 26.07
CA VAL A 407 -11.29 8.65 24.90
C VAL A 407 -12.28 8.37 23.79
N MET A 408 -12.70 9.44 23.11
CA MET A 408 -13.49 9.32 21.91
C MET A 408 -12.78 10.12 20.85
N SER A 409 -12.65 9.54 19.67
CA SER A 409 -11.91 10.19 18.59
C SER A 409 -12.86 10.49 17.46
N PHE A 410 -12.53 11.52 16.69
CA PHE A 410 -13.28 11.88 15.50
C PHE A 410 -12.29 12.34 14.43
N ASP A 411 -12.63 12.12 13.17
CA ASP A 411 -11.83 12.70 12.09
C ASP A 411 -12.64 12.88 10.81
N LEU A 412 -12.18 13.83 9.99
CA LEU A 412 -12.85 14.17 8.74
C LEU A 412 -12.86 13.01 7.76
N THR A 413 -14.01 12.78 7.15
CA THR A 413 -14.10 11.85 6.05
C THR A 413 -13.40 12.42 4.82
N SER A 414 -12.45 11.67 4.29
CA SER A 414 -11.67 12.09 3.11
C SER A 414 -11.30 13.57 3.17
N ALA A 415 -10.45 13.92 4.14
CA ALA A 415 -10.23 15.32 4.48
C ALA A 415 -9.84 16.18 3.28
N TYR A 416 -8.69 15.89 2.67
CA TYR A 416 -8.17 16.79 1.65
C TYR A 416 -9.07 16.82 0.42
N PRO A 417 -9.62 15.65 0.01
CA PRO A 417 -10.57 15.68 -1.09
C PRO A 417 -11.85 16.46 -0.78
N SER A 418 -12.31 16.40 0.45
CA SER A 418 -13.46 17.19 0.86
C SER A 418 -13.10 18.68 0.90
N ILE A 419 -11.90 18.99 1.33
CA ILE A 419 -11.47 20.39 1.34
C ILE A 419 -11.54 20.94 -0.08
N ILE A 420 -10.93 20.23 -1.02
CA ILE A 420 -10.96 20.60 -2.43
C ILE A 420 -12.38 20.84 -2.94
N ARG A 421 -13.30 19.96 -2.58
CA ARG A 421 -14.67 20.06 -3.01
C ARG A 421 -15.35 21.26 -2.34
N GLN A 422 -15.19 21.37 -1.03
CA GLN A 422 -15.84 22.42 -0.26
C GLN A 422 -15.40 23.82 -0.73
N VAL A 423 -14.11 23.98 -0.96
CA VAL A 423 -13.52 25.27 -1.30
C VAL A 423 -13.59 25.52 -2.81
N ASN A 424 -13.73 24.44 -3.57
CA ASN A 424 -13.68 24.47 -5.04
C ASN A 424 -12.28 24.77 -5.59
N ILE A 425 -11.29 24.03 -5.10
CA ILE A 425 -9.89 24.21 -5.47
C ILE A 425 -9.57 23.51 -6.78
N SER A 426 -9.25 24.31 -7.80
CA SER A 426 -8.94 23.81 -9.14
C SER A 426 -8.13 24.87 -9.90
N PRO A 427 -7.31 24.45 -10.88
CA PRO A 427 -6.52 25.41 -11.65
C PRO A 427 -7.36 26.52 -12.30
N GLU A 428 -8.53 26.17 -12.82
CA GLU A 428 -9.36 27.10 -13.58
C GLU A 428 -10.41 27.81 -12.70
N THR A 429 -10.38 27.56 -11.39
CA THR A 429 -11.34 28.21 -10.48
C THR A 429 -10.70 29.32 -9.64
N ILE A 430 -9.41 29.54 -9.79
CA ILE A 430 -8.73 30.63 -9.09
C ILE A 430 -9.37 31.95 -9.49
N ALA A 431 -9.91 32.67 -8.52
CA ALA A 431 -10.51 34.00 -8.76
C ALA A 431 -9.62 35.15 -8.30
N GLY A 432 -8.65 34.89 -7.44
CA GLY A 432 -7.70 35.92 -6.98
C GLY A 432 -7.14 35.65 -5.60
N THR A 433 -6.69 36.73 -4.94
CA THR A 433 -6.19 36.65 -3.56
C THR A 433 -6.86 37.66 -2.63
N PHE A 434 -6.69 37.43 -1.33
CA PHE A 434 -7.08 38.40 -0.32
C PHE A 434 -5.94 38.53 0.68
N LYS A 435 -5.92 39.64 1.42
CA LYS A 435 -4.85 39.89 2.38
C LYS A 435 -5.04 39.01 3.60
N VAL A 436 -4.09 38.12 3.85
CA VAL A 436 -4.23 37.12 4.92
C VAL A 436 -3.84 37.70 6.25
N ALA A 437 -4.54 37.26 7.29
CA ALA A 437 -4.14 37.53 8.65
C ALA A 437 -3.44 36.28 9.16
N PRO A 438 -2.74 36.38 10.30
CA PRO A 438 -2.21 35.17 10.92
C PRO A 438 -3.29 34.12 11.13
N LEU A 439 -2.93 32.87 10.85
CA LEU A 439 -3.83 31.73 10.97
C LEU A 439 -4.65 31.71 12.26
N HIS A 440 -4.01 32.06 13.38
CA HIS A 440 -4.72 32.03 14.68
C HIS A 440 -5.92 32.97 14.72
N ASP A 441 -5.90 34.02 13.90
CA ASP A 441 -7.04 34.95 13.85
C ASP A 441 -8.25 34.31 13.17
N TYR A 442 -8.01 33.48 12.15
CA TYR A 442 -9.12 32.76 11.50
C TYR A 442 -9.61 31.64 12.41
N ILE A 443 -8.66 30.96 13.04
CA ILE A 443 -8.98 29.88 13.97
C ILE A 443 -9.90 30.38 15.07
N ASN A 444 -9.65 31.60 15.53
CA ASN A 444 -10.45 32.22 16.59
C ASN A 444 -11.48 33.22 16.10
N ALA A 445 -11.71 33.26 14.79
CA ALA A 445 -12.82 34.01 14.22
C ALA A 445 -12.73 35.51 14.54
N VAL A 446 -11.52 36.06 14.62
CA VAL A 446 -11.35 37.50 14.82
C VAL A 446 -10.88 38.20 13.54
N ALA A 447 -10.28 37.45 12.63
CA ALA A 447 -9.91 38.00 11.34
C ALA A 447 -11.12 38.46 10.56
N GLU A 448 -10.93 39.54 9.81
CA GLU A 448 -11.90 40.00 8.82
C GLU A 448 -12.28 38.85 7.89
N ARG A 449 -13.54 38.88 7.43
CA ARG A 449 -14.05 37.86 6.51
C ARG A 449 -13.33 38.04 5.16
N PRO A 450 -12.73 36.96 4.63
CA PRO A 450 -11.90 37.15 3.41
C PRO A 450 -12.63 37.69 2.18
N SER A 451 -13.87 37.25 1.96
CA SER A 451 -14.60 37.60 0.73
C SER A 451 -16.11 37.37 0.88
N ASP A 452 -16.87 38.25 0.25
CA ASP A 452 -18.32 38.15 0.14
C ASP A 452 -18.73 37.71 -1.27
N VAL A 453 -17.76 37.31 -2.06
CA VAL A 453 -18.01 36.89 -3.42
C VAL A 453 -17.48 35.46 -3.67
N TYR A 454 -16.26 35.19 -3.23
CA TYR A 454 -15.55 33.96 -3.56
C TYR A 454 -15.34 33.06 -2.34
N SER A 455 -15.07 31.78 -2.63
CA SER A 455 -14.87 30.76 -1.62
C SER A 455 -13.39 30.74 -1.27
N CYS A 456 -13.06 30.78 0.01
CA CYS A 456 -11.69 31.05 0.41
C CYS A 456 -10.97 29.97 1.22
N SER A 457 -9.66 29.97 1.06
CA SER A 457 -8.78 29.26 1.95
C SER A 457 -7.94 30.29 2.70
N PRO A 458 -7.68 30.07 4.00
CA PRO A 458 -6.91 30.99 4.82
C PRO A 458 -5.43 31.16 4.42
N ASN A 459 -5.02 30.59 3.29
CA ASN A 459 -3.69 30.85 2.75
C ASN A 459 -3.68 32.06 1.84
N GLY A 460 -4.86 32.60 1.57
CA GLY A 460 -5.03 33.83 0.80
C GLY A 460 -5.64 33.64 -0.57
N MET A 461 -6.01 32.41 -0.92
CA MET A 461 -6.59 32.15 -2.25
C MET A 461 -8.10 32.26 -2.23
N MET A 462 -8.62 32.71 -3.37
CA MET A 462 -10.05 32.82 -3.60
C MET A 462 -10.43 32.04 -4.84
N TYR A 463 -11.59 31.39 -4.80
CA TYR A 463 -12.05 30.51 -5.90
C TYR A 463 -13.48 30.84 -6.31
N TYR A 464 -13.81 30.57 -7.57
CA TYR A 464 -15.15 30.85 -8.10
C TYR A 464 -16.20 29.98 -7.39
N LYS A 465 -17.44 30.47 -7.34
CA LYS A 465 -18.55 29.70 -6.78
C LYS A 465 -19.66 29.36 -7.78
N ASP A 466 -19.57 29.85 -9.00
CA ASP A 466 -20.62 29.64 -9.99
C ASP A 466 -20.64 28.23 -10.54
N ARG A 467 -19.49 27.56 -10.52
CA ARG A 467 -19.38 26.22 -11.11
C ARG A 467 -18.25 25.42 -10.48
N ASP A 468 -18.43 24.10 -10.44
CA ASP A 468 -17.41 23.18 -9.94
C ASP A 468 -16.26 23.10 -10.91
N GLY A 469 -15.05 23.20 -10.39
CA GLY A 469 -13.85 23.02 -11.20
C GLY A 469 -13.71 21.55 -11.58
N VAL A 470 -12.83 21.29 -12.53
CA VAL A 470 -12.64 19.93 -13.01
C VAL A 470 -12.06 18.99 -11.94
N VAL A 471 -11.29 19.54 -11.01
CA VAL A 471 -10.65 18.73 -9.96
C VAL A 471 -11.70 18.34 -8.90
N PRO A 472 -12.44 19.31 -8.36
CA PRO A 472 -13.58 18.91 -7.53
C PRO A 472 -14.50 17.90 -8.24
N THR A 473 -14.78 18.13 -9.51
CA THR A 473 -15.75 17.29 -10.20
C THR A 473 -15.26 15.85 -10.34
N GLU A 474 -14.00 15.67 -10.74
CA GLU A 474 -13.45 14.34 -10.95
C GLU A 474 -13.05 13.64 -9.67
N ILE A 475 -12.58 14.41 -8.69
CA ILE A 475 -12.28 13.83 -7.38
C ILE A 475 -13.55 13.31 -6.70
N THR A 476 -14.68 14.00 -6.91
CA THR A 476 -15.98 13.57 -6.34
C THR A 476 -16.37 12.19 -6.88
N LYS A 477 -16.22 12.00 -8.18
CA LYS A 477 -16.56 10.72 -8.81
C LYS A 477 -15.82 9.56 -8.18
N VAL A 478 -14.51 9.70 -7.99
CA VAL A 478 -13.75 8.64 -7.36
C VAL A 478 -14.03 8.49 -5.86
N PHE A 479 -14.25 9.61 -5.17
CA PHE A 479 -14.64 9.59 -3.77
C PHE A 479 -15.91 8.78 -3.57
N ASN A 480 -16.88 8.95 -4.48
CA ASN A 480 -18.15 8.23 -4.37
C ASN A 480 -17.94 6.75 -4.61
N GLN A 481 -17.11 6.41 -5.58
CA GLN A 481 -16.71 5.01 -5.74
C GLN A 481 -16.13 4.50 -4.42
N ARG A 482 -15.27 5.32 -3.82
CA ARG A 482 -14.58 4.87 -2.61
C ARG A 482 -15.55 4.56 -1.51
N LYS A 483 -16.46 5.50 -1.27
CA LYS A 483 -17.47 5.39 -0.22
C LYS A 483 -18.31 4.12 -0.34
N GLU A 484 -18.67 3.77 -1.56
CA GLU A 484 -19.44 2.54 -1.82
C GLU A 484 -18.70 1.32 -1.30
N HIS A 485 -17.44 1.16 -1.72
CA HIS A 485 -16.66 -0.03 -1.35
C HIS A 485 -16.35 -0.07 0.13
N LYS A 486 -16.10 1.09 0.72
CA LYS A 486 -15.88 1.14 2.15
C LYS A 486 -17.12 0.67 2.89
N GLY A 487 -18.31 0.98 2.37
CA GLY A 487 -19.56 0.50 2.96
C GLY A 487 -19.56 -1.02 2.98
N TYR A 488 -19.20 -1.62 1.85
CA TYR A 488 -19.09 -3.09 1.78
C TYR A 488 -18.06 -3.58 2.78
N MET A 489 -16.94 -2.88 2.87
CA MET A 489 -15.86 -3.30 3.74
C MET A 489 -16.33 -3.32 5.18
N LEU A 490 -17.02 -2.26 5.59
CA LEU A 490 -17.49 -2.14 6.97
C LEU A 490 -18.63 -3.10 7.31
N ALA A 491 -19.48 -3.40 6.33
CA ALA A 491 -20.55 -4.34 6.58
C ALA A 491 -19.98 -5.74 6.84
N ALA A 492 -19.03 -6.16 6.00
CA ALA A 492 -18.33 -7.43 6.16
C ALA A 492 -17.60 -7.53 7.50
N GLN A 493 -17.05 -6.40 7.94
CA GLN A 493 -16.38 -6.37 9.22
C GLN A 493 -17.39 -6.56 10.37
N ARG A 494 -18.55 -5.91 10.25
CA ARG A 494 -19.60 -6.05 11.27
C ARG A 494 -20.15 -7.47 11.27
N ASN A 495 -20.36 -8.03 10.08
CA ASN A 495 -20.78 -9.41 9.90
C ASN A 495 -19.77 -10.37 10.52
N GLY A 496 -18.49 -10.06 10.29
CA GLY A 496 -17.39 -10.75 10.94
C GLY A 496 -17.60 -10.86 12.45
N GLU A 497 -17.91 -9.74 13.09
CA GLU A 497 -18.06 -9.75 14.57
C GLU A 497 -19.30 -10.53 15.05
N ILE A 498 -20.32 -10.61 14.22
CA ILE A 498 -21.50 -11.42 14.56
C ILE A 498 -21.12 -12.91 14.65
N ILE A 499 -20.30 -13.36 13.70
CA ILE A 499 -19.86 -14.75 13.65
C ILE A 499 -18.95 -15.12 14.82
N LYS A 500 -18.03 -14.22 15.17
CA LYS A 500 -17.18 -14.42 16.35
C LYS A 500 -17.99 -14.57 17.62
N GLU A 501 -19.01 -13.72 17.77
CA GLU A 501 -19.91 -13.82 18.91
C GLU A 501 -20.54 -15.20 18.94
N ALA A 502 -21.15 -15.61 17.82
CA ALA A 502 -21.82 -16.90 17.73
C ALA A 502 -20.87 -18.04 18.07
N LEU A 503 -19.60 -17.90 17.69
CA LEU A 503 -18.58 -18.92 17.97
C LEU A 503 -18.35 -19.15 19.46
N HIS A 504 -18.91 -18.30 20.33
CA HIS A 504 -18.85 -18.57 21.77
C HIS A 504 -19.75 -19.75 22.15
N ASN A 505 -20.72 -20.06 21.28
CA ASN A 505 -21.68 -21.14 21.51
C ASN A 505 -21.98 -21.95 20.25
N PRO A 506 -20.95 -22.62 19.70
CA PRO A 506 -21.11 -23.42 18.50
C PRO A 506 -22.01 -24.63 18.76
N ASN A 507 -22.74 -25.08 17.76
CA ASN A 507 -23.67 -26.18 17.93
C ASN A 507 -23.07 -27.50 17.54
N LEU A 508 -23.30 -28.52 18.36
CA LEU A 508 -22.83 -29.86 18.05
C LEU A 508 -23.73 -30.43 16.97
N SER A 509 -23.34 -30.21 15.71
CA SER A 509 -24.11 -30.67 14.57
C SER A 509 -23.26 -30.70 13.30
N VAL A 510 -23.78 -31.40 12.28
CA VAL A 510 -23.14 -31.40 10.98
C VAL A 510 -24.06 -30.60 10.05
N ASP A 511 -23.47 -29.61 9.39
CA ASP A 511 -24.20 -28.65 8.60
C ASP A 511 -23.26 -28.01 7.60
N GLU A 512 -23.72 -26.96 6.91
CA GLU A 512 -22.89 -26.24 5.96
C GLU A 512 -22.97 -24.73 6.21
N PRO A 513 -21.97 -23.97 5.72
CA PRO A 513 -22.05 -22.52 5.81
C PRO A 513 -23.19 -21.98 4.95
N LEU A 514 -23.87 -20.96 5.46
CA LEU A 514 -24.93 -20.25 4.74
C LEU A 514 -24.36 -19.54 3.54
N ASP A 515 -25.00 -19.67 2.38
CA ASP A 515 -24.61 -18.89 1.22
C ASP A 515 -25.17 -17.48 1.39
N VAL A 516 -24.28 -16.50 1.61
CA VAL A 516 -24.71 -15.12 1.83
C VAL A 516 -23.73 -14.12 1.26
N ASP A 517 -24.23 -12.90 1.09
CA ASP A 517 -23.39 -11.79 0.63
C ASP A 517 -22.90 -10.99 1.83
N TYR A 518 -21.60 -11.11 2.11
CA TYR A 518 -21.01 -10.51 3.29
C TYR A 518 -20.85 -8.99 3.20
N ARG A 519 -21.04 -8.43 2.00
CA ARG A 519 -20.99 -6.98 1.81
C ARG A 519 -22.21 -6.23 2.34
N PHE A 520 -23.25 -6.96 2.79
CA PHE A 520 -24.47 -6.36 3.35
C PHE A 520 -24.73 -6.94 4.73
N ASP A 521 -25.19 -6.09 5.64
CA ASP A 521 -25.41 -6.47 7.02
C ASP A 521 -26.37 -7.66 7.10
N PHE A 522 -26.02 -8.68 7.87
CA PHE A 522 -26.85 -9.89 7.97
C PHE A 522 -28.24 -9.53 8.47
N SER A 523 -29.26 -9.96 7.73
CA SER A 523 -30.64 -9.91 8.18
C SER A 523 -30.86 -10.73 9.45
N ASP A 524 -32.04 -10.56 10.04
CA ASP A 524 -32.45 -11.28 11.26
C ASP A 524 -32.55 -12.78 11.06
N GLU A 525 -33.06 -13.19 9.90
CA GLU A 525 -33.15 -14.61 9.54
C GLU A 525 -31.77 -15.21 9.44
N ILE A 526 -30.80 -14.47 8.90
CA ILE A 526 -29.42 -14.96 8.83
C ILE A 526 -28.81 -15.03 10.24
N LYS A 527 -29.04 -14.00 11.05
CA LYS A 527 -28.60 -14.02 12.44
C LYS A 527 -29.13 -15.25 13.20
N GLU A 528 -30.38 -15.62 12.96
CA GLU A 528 -30.97 -16.77 13.66
C GLU A 528 -30.29 -18.07 13.23
N LYS A 529 -30.19 -18.29 11.92
CA LYS A 529 -29.49 -19.47 11.41
C LYS A 529 -28.06 -19.58 11.96
N ILE A 530 -27.33 -18.47 11.97
CA ILE A 530 -25.95 -18.42 12.49
C ILE A 530 -25.84 -19.03 13.88
N LYS A 531 -26.76 -18.67 14.77
CA LYS A 531 -26.75 -19.16 16.16
C LYS A 531 -26.95 -20.67 16.32
N LYS A 532 -27.28 -21.35 15.23
CA LYS A 532 -27.53 -22.79 15.26
C LYS A 532 -26.44 -23.57 14.54
N LEU A 533 -25.42 -22.88 14.04
CA LEU A 533 -24.38 -23.54 13.24
C LEU A 533 -23.27 -24.19 14.06
N SER A 534 -22.62 -25.17 13.46
CA SER A 534 -21.41 -25.79 14.01
C SER A 534 -20.24 -24.83 13.95
N ALA A 535 -19.21 -25.11 14.73
CA ALA A 535 -17.99 -24.32 14.72
C ALA A 535 -17.29 -24.43 13.37
N LYS A 536 -17.36 -25.60 12.73
CA LYS A 536 -16.72 -25.76 11.43
C LYS A 536 -17.35 -24.80 10.43
N SER A 537 -18.68 -24.76 10.39
CA SER A 537 -19.41 -23.86 9.50
C SER A 537 -19.17 -22.38 9.83
N LEU A 538 -19.31 -22.03 11.11
CA LEU A 538 -19.11 -20.64 11.53
C LEU A 538 -17.73 -20.15 11.13
N ASN A 539 -16.72 -20.99 11.34
CA ASN A 539 -15.36 -20.70 10.96
C ASN A 539 -15.16 -20.48 9.46
N GLU A 540 -15.77 -21.34 8.66
CA GLU A 540 -15.66 -21.17 7.21
C GLU A 540 -16.32 -19.85 6.80
N MET A 541 -17.44 -19.53 7.46
CA MET A 541 -18.12 -18.27 7.22
C MET A 541 -17.27 -17.08 7.64
N LEU A 542 -16.51 -17.23 8.72
CA LEU A 542 -15.68 -16.15 9.23
C LEU A 542 -14.60 -15.90 8.21
N PHE A 543 -13.93 -16.97 7.80
CA PHE A 543 -12.88 -16.85 6.80
C PHE A 543 -13.44 -16.09 5.61
N ARG A 544 -14.66 -16.45 5.19
CA ARG A 544 -15.29 -15.83 4.04
C ARG A 544 -15.63 -14.36 4.27
N ALA A 545 -16.14 -14.05 5.46
CA ALA A 545 -16.43 -12.66 5.80
C ALA A 545 -15.18 -11.81 5.72
N GLN A 546 -14.07 -12.34 6.23
CA GLN A 546 -12.80 -11.59 6.25
C GLN A 546 -12.17 -11.45 4.87
N ARG A 547 -12.40 -12.43 4.02
CA ARG A 547 -12.03 -12.30 2.61
C ARG A 547 -12.85 -11.20 1.92
N THR A 548 -14.14 -11.14 2.21
CA THR A 548 -14.98 -10.08 1.66
C THR A 548 -14.49 -8.72 2.15
N GLU A 549 -14.15 -8.64 3.44
CA GLU A 549 -13.61 -7.43 4.06
C GLU A 549 -12.28 -6.96 3.44
N VAL A 550 -11.38 -7.90 3.20
CA VAL A 550 -10.13 -7.59 2.54
C VAL A 550 -10.36 -7.11 1.11
N ALA A 551 -11.31 -7.73 0.42
CA ALA A 551 -11.67 -7.31 -0.93
C ALA A 551 -12.15 -5.86 -0.89
N GLY A 552 -13.11 -5.58 -0.01
CA GLY A 552 -13.55 -4.22 0.25
C GLY A 552 -12.41 -3.25 0.60
N MET A 553 -11.46 -3.72 1.40
CA MET A 553 -10.40 -2.85 1.87
C MET A 553 -9.54 -2.44 0.69
N THR A 554 -9.18 -3.40 -0.17
CA THR A 554 -8.40 -3.08 -1.34
C THR A 554 -9.08 -2.05 -2.21
N ALA A 555 -10.38 -2.21 -2.43
CA ALA A 555 -11.11 -1.31 -3.32
C ALA A 555 -11.23 0.11 -2.74
N GLN A 556 -11.49 0.19 -1.45
CA GLN A 556 -11.76 1.47 -0.82
C GLN A 556 -10.46 2.25 -0.57
N ILE A 557 -9.47 1.62 0.05
CA ILE A 557 -8.28 2.32 0.51
C ILE A 557 -7.42 2.85 -0.64
N ASN A 558 -7.44 2.16 -1.77
CA ASN A 558 -6.60 2.58 -2.88
C ASN A 558 -7.28 3.65 -3.73
N ARG A 559 -8.60 3.69 -3.66
CA ARG A 559 -9.38 4.79 -4.22
C ARG A 559 -9.13 6.05 -3.39
N LYS A 560 -9.17 5.92 -2.06
CA LYS A 560 -8.73 6.97 -1.13
C LYS A 560 -7.29 7.40 -1.41
N ALA A 561 -6.42 6.43 -1.64
CA ALA A 561 -5.04 6.75 -1.92
C ALA A 561 -4.94 7.61 -3.18
N LEU A 562 -5.72 7.27 -4.18
CA LEU A 562 -5.72 7.99 -5.44
C LEU A 562 -6.22 9.44 -5.31
N ILE A 563 -7.34 9.64 -4.60
CA ILE A 563 -7.87 10.99 -4.44
C ILE A 563 -6.99 11.86 -3.54
N ASN A 564 -6.37 11.27 -2.53
CA ASN A 564 -5.39 11.93 -1.70
C ASN A 564 -4.14 12.20 -2.50
N GLY A 565 -3.77 11.26 -3.35
CA GLY A 565 -2.73 11.48 -4.35
C GLY A 565 -2.91 12.72 -5.23
N LEU A 566 -4.15 13.06 -5.59
CA LEU A 566 -4.38 14.25 -6.43
C LEU A 566 -4.04 15.53 -5.67
N ALA A 567 -4.53 15.64 -4.44
CA ALA A 567 -4.12 16.69 -3.52
C ALA A 567 -2.61 16.78 -3.41
N GLY A 568 -1.95 15.63 -3.24
CA GLY A 568 -0.49 15.60 -3.27
C GLY A 568 0.13 16.01 -4.61
N ALA A 569 -0.50 15.63 -5.71
CA ALA A 569 0.03 15.88 -7.05
C ALA A 569 0.12 17.37 -7.35
N LEU A 570 -0.81 18.15 -6.79
CA LEU A 570 -0.77 19.61 -6.93
C LEU A 570 0.53 20.22 -6.39
N GLY A 571 1.22 19.46 -5.54
CA GLY A 571 2.56 19.84 -5.09
C GLY A 571 3.75 19.11 -5.71
N ASN A 572 3.54 18.43 -6.83
CA ASN A 572 4.64 17.76 -7.57
C ASN A 572 4.91 18.44 -8.89
N VAL A 573 6.15 18.87 -9.11
CA VAL A 573 6.52 19.73 -10.24
C VAL A 573 6.22 19.11 -11.60
N TRP A 574 6.21 17.79 -11.67
CA TRP A 574 5.90 17.08 -12.92
C TRP A 574 4.40 17.03 -13.24
N PHE A 575 3.54 17.47 -12.33
CA PHE A 575 2.09 17.42 -12.56
C PHE A 575 1.66 18.55 -13.47
N ARG A 576 0.88 18.23 -14.49
CA ARG A 576 0.41 19.25 -15.40
C ARG A 576 -0.29 20.37 -14.61
N TYR A 577 -0.96 20.06 -13.50
CA TYR A 577 -1.66 21.14 -12.76
C TYR A 577 -0.98 21.52 -11.44
N TYR A 578 0.32 21.29 -11.37
CA TYR A 578 1.13 21.73 -10.26
C TYR A 578 0.86 23.21 -9.98
N ASP A 579 0.71 23.55 -8.70
CA ASP A 579 0.49 24.92 -8.31
C ASP A 579 0.46 24.92 -6.79
N LEU A 580 1.54 25.39 -6.20
CA LEU A 580 1.64 25.55 -4.75
C LEU A 580 0.58 26.46 -4.12
N ARG A 581 -0.06 27.34 -4.91
CA ARG A 581 -1.19 28.12 -4.38
C ARG A 581 -2.36 27.20 -4.02
N ASN A 582 -2.60 26.16 -4.83
CA ASN A 582 -3.68 25.22 -4.58
C ASN A 582 -3.31 24.12 -3.57
N ALA A 583 -2.07 23.61 -3.65
CA ALA A 583 -1.58 22.62 -2.67
C ALA A 583 -1.64 23.21 -1.27
N THR A 584 -1.19 24.46 -1.15
CA THR A 584 -1.12 25.13 0.14
C THR A 584 -2.52 25.60 0.62
N ALA A 585 -3.39 26.00 -0.31
CA ALA A 585 -4.79 26.25 0.03
C ALA A 585 -5.44 25.03 0.73
N ILE A 586 -5.10 23.84 0.26
CA ILE A 586 -5.60 22.59 0.84
C ILE A 586 -5.05 22.47 2.25
N THR A 587 -3.73 22.38 2.37
CA THR A 587 -3.08 22.08 3.66
C THR A 587 -3.36 23.12 4.72
N THR A 588 -3.35 24.39 4.34
CA THR A 588 -3.59 25.46 5.29
C THR A 588 -5.05 25.49 5.80
N PHE A 589 -5.99 25.20 4.92
CA PHE A 589 -7.38 25.11 5.29
C PHE A 589 -7.60 23.96 6.27
N GLY A 590 -6.84 22.88 6.09
CA GLY A 590 -6.85 21.76 7.01
C GLY A 590 -6.37 22.14 8.41
N GLN A 591 -5.30 22.94 8.46
CA GLN A 591 -4.75 23.43 9.73
C GLN A 591 -5.77 24.27 10.48
N MET A 592 -6.47 25.12 9.75
CA MET A 592 -7.51 25.94 10.35
C MET A 592 -8.62 25.05 10.83
N ALA A 593 -9.05 24.12 9.99
CA ALA A 593 -10.21 23.29 10.26
C ALA A 593 -10.05 22.55 11.57
N LEU A 594 -8.89 21.94 11.75
CA LEU A 594 -8.63 21.15 12.94
C LEU A 594 -8.57 22.02 14.19
N GLN A 595 -7.87 23.14 14.12
CA GLN A 595 -7.71 23.98 15.29
C GLN A 595 -9.02 24.71 15.59
N TRP A 596 -9.70 25.16 14.54
CA TRP A 596 -11.03 25.72 14.67
C TRP A 596 -11.92 24.73 15.42
N ILE A 597 -11.96 23.49 14.96
CA ILE A 597 -12.89 22.54 15.55
C ILE A 597 -12.47 22.12 16.95
N GLU A 598 -11.17 22.19 17.22
CA GLU A 598 -10.68 21.95 18.58
C GLU A 598 -11.33 22.95 19.51
N ARG A 599 -11.23 24.22 19.14
CA ARG A 599 -11.84 25.31 19.90
C ARG A 599 -13.32 25.07 20.17
N LYS A 600 -14.06 24.69 19.14
CA LYS A 600 -15.51 24.52 19.26
C LYS A 600 -15.88 23.37 20.17
N VAL A 601 -15.14 22.28 20.04
CA VAL A 601 -15.42 21.10 20.86
C VAL A 601 -15.14 21.41 22.33
N ASN A 602 -14.05 22.16 22.60
CA ASN A 602 -13.72 22.60 23.96
C ASN A 602 -14.78 23.52 24.52
N GLU A 603 -15.17 24.51 23.73
CA GLU A 603 -16.24 25.42 24.12
C GLU A 603 -17.51 24.65 24.42
N TYR A 604 -17.89 23.73 23.54
CA TYR A 604 -19.10 22.94 23.73
C TYR A 604 -19.10 22.11 25.01
N LEU A 605 -17.99 21.43 25.30
CA LEU A 605 -17.95 20.51 26.44
C LEU A 605 -17.85 21.24 27.77
N ASN A 606 -17.01 22.26 27.82
CA ASN A 606 -16.97 23.13 28.99
C ASN A 606 -18.37 23.64 29.37
N GLU A 607 -19.18 23.92 28.35
CA GLU A 607 -20.55 24.36 28.55
C GLU A 607 -21.38 23.25 29.21
N VAL A 608 -21.33 22.03 28.68
CA VAL A 608 -22.13 20.92 29.25
C VAL A 608 -21.56 20.37 30.56
N CYS A 609 -20.32 20.73 30.90
CA CYS A 609 -19.72 20.31 32.16
C CYS A 609 -19.59 21.47 33.15
N GLY A 610 -20.17 22.62 32.81
CA GLY A 610 -20.18 23.80 33.68
C GLY A 610 -18.81 24.34 34.05
N THR A 611 -17.85 24.25 33.13
CA THR A 611 -16.46 24.65 33.41
C THR A 611 -15.99 25.80 32.51
N GLU A 612 -14.75 26.23 32.70
CA GLU A 612 -14.12 27.27 31.88
C GLU A 612 -12.65 26.92 31.64
N GLY A 613 -12.19 27.10 30.41
CA GLY A 613 -10.77 26.90 30.08
C GLY A 613 -10.27 25.47 30.08
N GLU A 614 -11.13 24.51 30.43
CA GLU A 614 -10.73 23.11 30.49
C GLU A 614 -10.49 22.58 29.08
N ALA A 615 -9.44 21.78 28.91
CA ALA A 615 -9.10 21.21 27.61
C ALA A 615 -9.64 19.77 27.50
N PHE A 616 -10.65 19.56 26.67
CA PHE A 616 -11.15 18.21 26.44
C PHE A 616 -10.47 17.51 25.26
N VAL A 617 -10.03 18.29 24.28
CA VAL A 617 -9.30 17.76 23.15
C VAL A 617 -7.85 17.65 23.57
N LEU A 618 -7.35 16.42 23.67
CA LEU A 618 -6.01 16.17 24.19
C LEU A 618 -4.97 16.08 23.06
N TYR A 619 -5.44 15.84 21.85
CA TYR A 619 -4.55 15.54 20.73
C TYR A 619 -5.34 15.59 19.45
N GLY A 620 -4.58 15.74 18.37
CA GLY A 620 -5.14 15.83 17.04
C GLY A 620 -3.99 15.83 16.07
N ASP A 621 -4.28 15.44 14.84
CA ASP A 621 -3.24 15.26 13.83
C ASP A 621 -3.90 15.36 12.49
N THR A 622 -3.61 16.46 11.79
CA THR A 622 -4.10 16.72 10.45
C THR A 622 -5.61 17.03 10.43
N ASP A 623 -6.44 16.02 10.63
CA ASP A 623 -7.89 16.16 10.53
C ASP A 623 -8.66 15.44 11.64
N SER A 624 -7.98 15.15 12.75
CA SER A 624 -8.60 14.35 13.80
C SER A 624 -8.53 15.03 15.15
N ILE A 625 -9.48 14.71 16.02
CA ILE A 625 -9.42 15.12 17.42
C ILE A 625 -9.65 13.92 18.33
N TYR A 626 -8.99 13.94 19.49
CA TYR A 626 -9.21 12.95 20.53
C TYR A 626 -9.76 13.63 21.78
N VAL A 627 -10.97 13.24 22.17
CA VAL A 627 -11.65 13.89 23.27
C VAL A 627 -11.60 13.02 24.50
N SER A 628 -11.07 13.57 25.59
CA SER A 628 -11.19 12.93 26.90
C SER A 628 -12.63 12.92 27.35
N ALA A 629 -13.17 11.72 27.55
CA ALA A 629 -14.56 11.50 27.97
C ALA A 629 -14.68 11.09 29.44
N ASP A 630 -13.63 11.29 30.22
CA ASP A 630 -13.66 10.98 31.63
C ASP A 630 -14.81 11.64 32.35
N LYS A 631 -14.94 12.95 32.14
CA LYS A 631 -15.94 13.75 32.85
C LYS A 631 -17.37 13.40 32.47
N ILE A 632 -17.55 12.93 31.24
CA ILE A 632 -18.87 12.53 30.75
C ILE A 632 -19.27 11.24 31.45
N ILE A 633 -18.35 10.29 31.47
CA ILE A 633 -18.54 9.04 32.18
C ILE A 633 -18.78 9.28 33.66
N ASP A 634 -17.97 10.15 34.28
CA ASP A 634 -18.12 10.42 35.71
C ASP A 634 -19.44 11.11 36.05
N LYS A 635 -20.00 11.87 35.11
CA LYS A 635 -21.24 12.60 35.38
C LYS A 635 -22.43 11.67 35.60
N VAL A 636 -22.38 10.47 35.03
CA VAL A 636 -23.40 9.47 35.34
C VAL A 636 -22.92 8.55 36.47
N GLY A 637 -21.61 8.38 36.57
CA GLY A 637 -21.00 7.59 37.63
C GLY A 637 -20.76 6.17 37.14
N GLU A 638 -19.54 5.66 37.32
CA GLU A 638 -19.18 4.32 36.83
C GLU A 638 -20.01 3.18 37.47
N SER A 639 -20.60 3.46 38.64
CA SER A 639 -21.45 2.48 39.33
C SER A 639 -22.74 2.20 38.57
N LYS A 640 -23.17 3.14 37.74
CA LYS A 640 -24.46 3.04 37.08
C LYS A 640 -24.45 2.17 35.83
N PHE A 641 -23.30 1.62 35.45
CA PHE A 641 -23.19 0.81 34.23
C PHE A 641 -23.19 -0.68 34.54
N ARG A 642 -24.14 -1.39 33.93
CA ARG A 642 -24.22 -2.84 33.95
C ARG A 642 -22.89 -3.52 33.62
N ASP A 643 -22.31 -3.12 32.48
CA ASP A 643 -21.09 -3.73 31.98
C ASP A 643 -20.35 -2.76 31.03
N THR A 644 -19.22 -3.23 30.47
CA THR A 644 -18.41 -2.42 29.57
C THR A 644 -19.24 -1.91 28.38
N ASN A 645 -19.95 -2.84 27.76
CA ASN A 645 -20.75 -2.52 26.58
C ASN A 645 -21.84 -1.47 26.87
N HIS A 646 -22.25 -1.33 28.12
CA HIS A 646 -23.26 -0.34 28.49
C HIS A 646 -22.68 1.08 28.46
N TRP A 647 -21.54 1.32 29.10
CA TRP A 647 -20.90 2.64 28.93
C TRP A 647 -20.45 2.89 27.49
N VAL A 648 -20.11 1.83 26.75
CA VAL A 648 -19.73 1.99 25.34
C VAL A 648 -20.94 2.43 24.51
N ASP A 649 -22.12 1.92 24.84
CA ASP A 649 -23.37 2.35 24.19
C ASP A 649 -23.69 3.81 24.49
N PHE A 650 -23.36 4.25 25.69
CA PHE A 650 -23.69 5.59 26.15
C PHE A 650 -22.79 6.63 25.48
N LEU A 651 -21.51 6.31 25.39
CA LEU A 651 -20.58 7.20 24.68
C LEU A 651 -20.91 7.25 23.21
N ASP A 652 -21.24 6.10 22.61
CA ASP A 652 -21.65 6.06 21.22
C ASP A 652 -22.85 6.96 20.98
N LYS A 653 -23.85 6.84 21.85
CA LYS A 653 -25.03 7.70 21.76
C LYS A 653 -24.67 9.17 21.97
N PHE A 654 -23.81 9.44 22.93
CA PHE A 654 -23.42 10.80 23.24
C PHE A 654 -22.69 11.43 22.05
N ALA A 655 -21.77 10.65 21.46
CA ALA A 655 -21.01 11.13 20.32
C ALA A 655 -21.95 11.45 19.18
N ARG A 656 -22.89 10.54 18.94
CA ARG A 656 -23.76 10.68 17.78
C ARG A 656 -24.77 11.81 17.96
N GLU A 657 -25.34 11.93 19.15
CA GLU A 657 -26.49 12.81 19.36
C GLU A 657 -26.14 14.16 19.97
N ARG A 658 -24.93 14.28 20.53
CA ARG A 658 -24.49 15.54 21.09
C ARG A 658 -23.25 16.08 20.41
N MET A 659 -22.21 15.26 20.31
CA MET A 659 -20.94 15.78 19.82
C MET A 659 -20.95 16.14 18.34
N GLU A 660 -21.46 15.23 17.52
CA GLU A 660 -21.46 15.42 16.09
C GLU A 660 -22.33 16.61 15.66
N PRO A 661 -23.50 16.80 16.30
CA PRO A 661 -24.24 18.04 16.04
C PRO A 661 -23.48 19.31 16.40
N ALA A 662 -22.81 19.32 17.55
CA ALA A 662 -21.98 20.46 17.92
C ALA A 662 -20.87 20.67 16.89
N ILE A 663 -20.24 19.57 16.50
CA ILE A 663 -19.14 19.65 15.54
C ILE A 663 -19.66 20.19 14.21
N ASP A 664 -20.83 19.73 13.80
CA ASP A 664 -21.37 20.09 12.50
C ASP A 664 -21.72 21.59 12.45
N ARG A 665 -22.28 22.11 13.55
CA ARG A 665 -22.59 23.53 13.63
C ARG A 665 -21.31 24.37 13.59
N GLY A 666 -20.27 23.90 14.28
CA GLY A 666 -18.99 24.57 14.27
C GLY A 666 -18.40 24.68 12.86
N PHE A 667 -18.55 23.63 12.06
CA PHE A 667 -17.98 23.65 10.71
C PHE A 667 -18.86 24.40 9.74
N ARG A 668 -20.17 24.35 9.93
CA ARG A 668 -21.09 25.15 9.12
C ARG A 668 -20.72 26.63 9.22
N GLU A 669 -20.41 27.09 10.42
CA GLU A 669 -20.00 28.48 10.63
C GLU A 669 -18.70 28.75 9.88
N MET A 670 -17.75 27.83 9.98
CA MET A 670 -16.46 27.97 9.30
C MET A 670 -16.65 28.05 7.79
N CYS A 671 -17.49 27.19 7.24
CA CYS A 671 -17.85 27.23 5.82
C CYS A 671 -18.33 28.62 5.39
N GLU A 672 -19.27 29.15 6.18
CA GLU A 672 -19.85 30.46 5.93
C GLU A 672 -18.82 31.58 6.06
N TYR A 673 -17.98 31.49 7.09
CA TYR A 673 -16.89 32.43 7.32
C TYR A 673 -15.94 32.48 6.12
N MET A 674 -15.53 31.30 5.65
CA MET A 674 -14.69 31.18 4.46
C MET A 674 -15.50 31.28 3.15
N ASN A 675 -16.83 31.41 3.27
CA ASN A 675 -17.73 31.61 2.13
C ASN A 675 -17.61 30.49 1.11
N ASN A 676 -17.43 29.27 1.60
CA ASN A 676 -17.13 28.18 0.73
C ASN A 676 -18.33 27.74 -0.08
N LYS A 677 -18.05 27.03 -1.15
CA LYS A 677 -19.08 26.64 -2.09
C LYS A 677 -20.05 25.67 -1.46
N GLN A 678 -19.57 24.81 -0.56
CA GLN A 678 -20.40 23.73 -0.06
C GLN A 678 -19.80 23.11 1.19
N HIS A 679 -20.66 22.84 2.17
CA HIS A 679 -20.24 22.27 3.45
C HIS A 679 -19.99 20.77 3.33
N LEU A 680 -18.73 20.36 3.45
CA LEU A 680 -18.36 18.95 3.30
C LEU A 680 -17.34 18.46 4.34
N MET A 681 -17.25 19.21 5.45
CA MET A 681 -16.41 18.84 6.57
C MET A 681 -17.25 17.96 7.48
N PHE A 682 -17.12 16.64 7.30
CA PHE A 682 -17.89 15.67 8.09
C PHE A 682 -16.97 14.87 9.00
N MET A 683 -16.96 15.25 10.28
CA MET A 683 -16.12 14.65 11.29
C MET A 683 -16.91 13.59 12.07
N ASP A 684 -16.90 12.36 11.55
CA ASP A 684 -17.53 11.22 12.22
C ASP A 684 -16.68 10.63 13.35
N ARG A 685 -17.37 10.17 14.37
CA ARG A 685 -16.72 9.49 15.46
C ARG A 685 -15.97 8.28 14.92
N GLU A 686 -14.72 8.12 15.35
CA GLU A 686 -13.88 7.01 14.94
C GLU A 686 -13.94 5.92 16.03
N ALA A 687 -13.31 6.19 17.17
CA ALA A 687 -13.04 5.17 18.18
C ALA A 687 -13.68 5.52 19.51
N ILE A 688 -14.20 4.50 20.20
CA ILE A 688 -14.60 4.65 21.60
C ILE A 688 -13.71 3.77 22.44
N ALA A 689 -12.97 4.39 23.36
CA ALA A 689 -11.84 3.73 24.02
C ALA A 689 -11.92 3.91 25.52
N GLY A 690 -11.56 2.84 26.22
CA GLY A 690 -11.53 2.84 27.67
C GLY A 690 -11.16 1.49 28.25
N PRO A 691 -10.87 1.44 29.56
CA PRO A 691 -10.56 0.17 30.23
C PRO A 691 -11.81 -0.71 30.41
N PRO A 692 -11.62 -2.03 30.53
CA PRO A 692 -12.76 -2.91 30.84
C PRO A 692 -13.40 -2.49 32.15
N LEU A 693 -14.74 -2.39 32.19
CA LEU A 693 -15.44 -1.88 33.38
C LEU A 693 -14.97 -2.61 34.63
N GLY A 694 -14.58 -1.86 35.65
CA GLY A 694 -14.16 -2.43 36.93
C GLY A 694 -12.79 -3.10 36.93
N SER A 695 -11.95 -2.77 35.95
CA SER A 695 -10.59 -3.31 35.90
C SER A 695 -9.63 -2.23 36.40
N LYS A 696 -8.35 -2.57 36.48
CA LYS A 696 -7.34 -1.59 36.80
C LYS A 696 -6.54 -1.15 35.55
N GLY A 697 -7.11 -1.34 34.36
CA GLY A 697 -6.44 -0.91 33.12
C GLY A 697 -6.55 0.60 32.95
N ILE A 698 -5.58 1.19 32.27
CA ILE A 698 -5.55 2.66 32.13
C ILE A 698 -6.30 3.17 30.89
N GLY A 699 -6.73 2.25 30.01
CA GLY A 699 -7.53 2.61 28.84
C GLY A 699 -6.71 3.08 27.64
N GLY A 700 -5.85 4.07 27.83
CA GLY A 700 -4.98 4.52 26.76
C GLY A 700 -3.82 5.30 27.30
N PHE A 701 -2.88 5.64 26.41
CA PHE A 701 -1.82 6.58 26.73
C PHE A 701 -1.15 7.15 25.48
N TRP A 702 -0.65 8.38 25.63
CA TRP A 702 0.19 9.07 24.65
C TRP A 702 1.60 9.23 25.22
N THR A 703 2.63 9.05 24.39
CA THR A 703 4.02 9.41 24.74
C THR A 703 4.45 10.69 24.04
N GLY A 704 3.72 11.11 23.02
CA GLY A 704 4.14 12.24 22.19
C GLY A 704 3.35 12.26 20.91
N LYS A 705 3.73 13.15 20.00
CA LYS A 705 3.09 13.18 18.70
C LYS A 705 3.26 11.85 17.97
N LYS A 706 2.22 11.45 17.28
CA LYS A 706 2.23 10.25 16.44
C LYS A 706 2.64 8.98 17.19
N ARG A 707 2.41 8.97 18.50
CA ARG A 707 2.79 7.87 19.38
C ARG A 707 1.77 7.76 20.52
N TYR A 708 0.90 6.76 20.43
CA TYR A 708 -0.15 6.55 21.41
C TYR A 708 -0.75 5.14 21.29
N ALA A 709 -1.55 4.77 22.28
CA ALA A 709 -2.27 3.51 22.25
C ALA A 709 -3.63 3.65 22.94
N LEU A 710 -4.65 3.07 22.34
CA LEU A 710 -6.01 3.10 22.84
C LEU A 710 -6.56 1.68 22.88
N ASN A 711 -7.30 1.39 23.95
CA ASN A 711 -8.06 0.13 24.04
C ASN A 711 -9.49 0.36 23.56
N VAL A 712 -9.76 -0.08 22.33
CA VAL A 712 -10.96 0.30 21.60
C VAL A 712 -12.04 -0.78 21.65
N TRP A 713 -13.29 -0.34 21.85
CA TRP A 713 -14.47 -1.20 21.83
C TRP A 713 -15.32 -1.05 20.56
N ASP A 714 -15.32 0.16 19.98
CA ASP A 714 -16.11 0.42 18.80
C ASP A 714 -15.29 1.25 17.82
N MET A 715 -15.24 0.79 16.58
CA MET A 715 -14.46 1.45 15.55
C MET A 715 -15.35 1.69 14.32
N GLU A 716 -15.64 2.98 14.07
CA GLU A 716 -16.52 3.42 12.99
C GLU A 716 -17.83 2.64 12.94
N GLY A 717 -18.38 2.36 14.12
CA GLY A 717 -19.63 1.61 14.23
C GLY A 717 -19.49 0.11 14.22
N THR A 718 -18.27 -0.41 14.23
CA THR A 718 -18.07 -1.84 14.40
C THR A 718 -17.89 -2.14 15.88
N ARG A 719 -18.86 -2.83 16.48
CA ARG A 719 -18.76 -3.22 17.88
C ARG A 719 -18.01 -4.52 17.94
N TYR A 720 -16.90 -4.55 18.65
CA TYR A 720 -16.07 -5.75 18.66
C TYR A 720 -16.58 -6.74 19.68
N ALA A 721 -16.42 -8.03 19.39
CA ALA A 721 -16.63 -9.08 20.37
C ALA A 721 -15.59 -8.97 21.49
N GLU A 722 -14.32 -8.84 21.09
CA GLU A 722 -13.21 -8.58 22.02
C GLU A 722 -12.66 -7.17 21.81
N PRO A 723 -12.21 -6.52 22.88
CA PRO A 723 -11.56 -5.21 22.72
C PRO A 723 -10.34 -5.29 21.80
N LYS A 724 -10.01 -4.19 21.11
CA LYS A 724 -8.92 -4.20 20.13
C LYS A 724 -8.03 -3.00 20.32
N LEU A 725 -6.71 -3.22 20.27
CA LEU A 725 -5.76 -2.14 20.52
C LEU A 725 -5.56 -1.33 19.25
N LYS A 726 -5.83 -0.04 19.30
CA LYS A 726 -5.34 0.86 18.25
C LYS A 726 -4.03 1.44 18.74
N ILE A 727 -2.95 1.15 18.02
CA ILE A 727 -1.64 1.61 18.41
C ILE A 727 -1.00 2.30 17.22
N MET A 728 -0.50 3.53 17.42
CA MET A 728 0.16 4.27 16.37
C MET A 728 1.57 4.76 16.75
N GLY A 729 2.55 4.54 15.88
CA GLY A 729 3.91 5.07 16.05
C GLY A 729 4.81 4.24 16.94
N LEU A 730 4.22 3.58 17.94
CA LEU A 730 4.97 2.81 18.90
C LEU A 730 5.61 1.58 18.27
N GLU A 731 6.63 1.05 18.94
CA GLU A 731 7.51 0.06 18.33
C GLU A 731 6.83 -1.24 17.87
N THR A 732 5.67 -1.54 18.45
CA THR A 732 4.86 -2.64 17.96
C THR A 732 4.45 -2.48 16.50
N GLN A 733 4.48 -1.24 16.00
CA GLN A 733 3.99 -0.96 14.65
C GLN A 733 5.10 -0.81 13.61
N LYS A 734 6.35 -0.86 14.02
CA LYS A 734 7.45 -0.59 13.11
C LYS A 734 8.13 -1.85 12.63
N SER A 735 8.39 -1.91 11.32
CA SER A 735 9.05 -3.08 10.72
C SER A 735 10.49 -3.27 11.18
N SER A 736 11.08 -2.26 11.80
CA SER A 736 12.43 -2.34 12.38
C SER A 736 12.53 -3.10 13.71
N THR A 737 11.45 -3.11 14.48
CA THR A 737 11.42 -3.77 15.77
C THR A 737 11.41 -5.30 15.57
N PRO A 738 12.28 -6.05 16.27
CA PRO A 738 12.25 -7.51 16.13
C PRO A 738 10.86 -8.10 16.37
N LYS A 739 10.54 -9.18 15.67
CA LYS A 739 9.20 -9.76 15.69
C LYS A 739 8.75 -10.10 17.09
N ALA A 740 9.60 -10.79 17.84
CA ALA A 740 9.26 -11.20 19.20
C ALA A 740 9.12 -10.00 20.12
N VAL A 741 9.86 -8.94 19.83
CA VAL A 741 9.75 -7.73 20.63
C VAL A 741 8.43 -7.02 20.37
N GLN A 742 8.02 -6.93 19.10
CA GLN A 742 6.72 -6.35 18.79
C GLN A 742 5.64 -7.03 19.62
N LYS A 743 5.68 -8.36 19.62
CA LYS A 743 4.71 -9.21 20.29
C LYS A 743 4.72 -9.00 21.80
N ALA A 744 5.90 -8.95 22.40
CA ALA A 744 6.01 -8.75 23.86
C ALA A 744 5.60 -7.32 24.26
N LEU A 745 6.05 -6.34 23.50
CA LEU A 745 5.64 -4.95 23.76
C LEU A 745 4.12 -4.80 23.66
N LYS A 746 3.53 -5.36 22.62
CA LYS A 746 2.09 -5.37 22.49
C LYS A 746 1.37 -6.01 23.70
N GLU A 747 1.90 -7.10 24.24
CA GLU A 747 1.26 -7.74 25.38
C GLU A 747 1.39 -6.86 26.63
N CYS A 748 2.54 -6.22 26.81
CA CYS A 748 2.73 -5.22 27.87
C CYS A 748 1.72 -4.08 27.76
N ILE A 749 1.54 -3.56 26.55
CA ILE A 749 0.57 -2.53 26.30
C ILE A 749 -0.87 -3.02 26.57
N ARG A 750 -1.17 -4.26 26.19
CA ARG A 750 -2.49 -4.81 26.43
C ARG A 750 -2.77 -4.86 27.92
N ARG A 751 -1.81 -5.38 28.68
CA ARG A 751 -1.98 -5.47 30.10
C ARG A 751 -2.12 -4.08 30.73
N MET A 752 -1.24 -3.14 30.35
CA MET A 752 -1.35 -1.75 30.79
C MET A 752 -2.76 -1.22 30.60
N LEU A 753 -3.26 -1.28 29.37
CA LEU A 753 -4.56 -0.68 29.03
C LEU A 753 -5.80 -1.47 29.54
N GLN A 754 -5.67 -2.78 29.68
CA GLN A 754 -6.81 -3.63 30.06
C GLN A 754 -6.78 -4.13 31.51
N GLU A 755 -5.59 -4.25 32.09
CA GLU A 755 -5.43 -4.98 33.36
C GLU A 755 -4.74 -4.18 34.45
N GLY A 756 -3.68 -3.43 34.12
CA GLY A 756 -3.08 -2.54 35.09
C GLY A 756 -1.62 -2.80 35.34
N GLU A 757 -1.06 -2.00 36.23
CA GLU A 757 0.38 -2.01 36.54
C GLU A 757 0.91 -3.38 36.97
N GLU A 758 0.15 -4.04 37.84
CA GLU A 758 0.61 -5.29 38.41
C GLU A 758 0.73 -6.36 37.33
N SER A 759 -0.33 -6.52 36.55
CA SER A 759 -0.35 -7.48 35.45
C SER A 759 0.87 -7.24 34.55
N LEU A 760 1.16 -5.97 34.30
CA LEU A 760 2.29 -5.54 33.48
C LEU A 760 3.60 -6.00 34.10
N GLN A 761 3.78 -5.76 35.39
CA GLN A 761 5.02 -6.16 36.08
C GLN A 761 5.26 -7.67 36.01
N GLU A 762 4.21 -8.48 36.15
CA GLU A 762 4.33 -9.95 36.08
C GLU A 762 4.85 -10.41 34.72
N TYR A 763 4.25 -9.88 33.66
CA TYR A 763 4.72 -10.17 32.30
C TYR A 763 6.13 -9.67 32.04
N PHE A 764 6.48 -8.49 32.55
CA PHE A 764 7.80 -7.94 32.29
C PHE A 764 8.85 -8.88 32.86
N LYS A 765 8.62 -9.28 34.11
CA LYS A 765 9.59 -10.07 34.84
C LYS A 765 9.87 -11.36 34.08
N GLU A 766 8.81 -11.99 33.56
CA GLU A 766 8.99 -13.23 32.82
C GLU A 766 9.68 -13.03 31.47
N PHE A 767 9.33 -11.97 30.75
CA PHE A 767 9.97 -11.75 29.45
C PHE A 767 11.48 -11.57 29.58
N GLU A 768 11.90 -10.85 30.62
CA GLU A 768 13.32 -10.64 30.93
C GLU A 768 14.00 -11.95 31.29
N LYS A 769 13.28 -12.84 31.97
CA LYS A 769 13.84 -14.11 32.40
C LYS A 769 14.08 -15.08 31.25
N GLU A 770 13.20 -15.09 30.26
CA GLU A 770 13.21 -16.15 29.23
C GLU A 770 13.67 -15.68 27.84
N PHE A 771 13.82 -14.39 27.60
CA PHE A 771 14.01 -13.92 26.24
C PHE A 771 15.26 -14.47 25.53
N ARG A 772 16.27 -14.88 26.29
CA ARG A 772 17.49 -15.47 25.69
C ARG A 772 17.22 -16.75 24.86
N GLN A 773 16.12 -17.42 25.17
CA GLN A 773 15.74 -18.64 24.47
C GLN A 773 15.11 -18.35 23.12
N LEU A 774 14.71 -17.11 22.87
CA LEU A 774 14.10 -16.74 21.60
C LEU A 774 15.03 -16.98 20.41
N ASN A 775 14.44 -17.47 19.31
CA ASN A 775 15.14 -17.70 18.06
C ASN A 775 15.75 -16.39 17.57
N TYR A 776 17.00 -16.46 17.14
CA TYR A 776 17.78 -15.25 16.82
C TYR A 776 17.10 -14.34 15.79
N ILE A 777 16.40 -14.92 14.80
CA ILE A 777 15.72 -14.15 13.78
C ILE A 777 14.61 -13.33 14.42
N SER A 778 13.86 -13.98 15.30
CA SER A 778 12.74 -13.38 16.01
C SER A 778 13.14 -12.19 16.87
N ILE A 779 14.42 -12.14 17.25
CA ILE A 779 14.91 -11.04 18.10
C ILE A 779 15.91 -10.11 17.40
N ALA A 780 16.12 -10.31 16.10
CA ALA A 780 16.95 -9.41 15.31
C ALA A 780 16.21 -8.14 14.89
N SER A 781 16.91 -7.01 14.88
CA SER A 781 16.34 -5.78 14.34
C SER A 781 16.33 -5.88 12.84
N VAL A 782 15.68 -4.93 12.19
CA VAL A 782 15.58 -4.91 10.75
C VAL A 782 15.76 -3.46 10.29
N SER A 783 16.48 -3.28 9.19
CA SER A 783 16.59 -1.97 8.56
C SER A 783 16.77 -2.07 7.07
N SER A 784 16.34 -1.02 6.36
CA SER A 784 16.69 -0.86 4.97
C SER A 784 18.15 -0.48 4.92
N ALA A 785 18.84 -0.91 3.87
CA ALA A 785 20.28 -0.75 3.75
C ALA A 785 20.65 -0.01 2.46
N ASN A 786 20.80 1.31 2.56
CA ASN A 786 21.19 2.15 1.43
C ASN A 786 22.61 2.69 1.56
N ASN A 787 23.22 3.03 0.43
CA ASN A 787 24.54 3.68 0.39
C ASN A 787 25.65 2.84 1.03
N ILE A 788 25.68 1.56 0.73
CA ILE A 788 26.63 0.65 1.37
C ILE A 788 28.06 0.93 0.91
N ALA A 789 28.20 1.36 -0.34
CA ALA A 789 29.51 1.72 -0.91
C ALA A 789 30.05 3.02 -0.33
N LYS A 790 29.18 4.01 -0.08
CA LYS A 790 29.64 5.31 0.42
C LYS A 790 30.35 5.24 1.78
N TYR A 791 29.98 4.23 2.58
CA TYR A 791 30.54 4.07 3.90
C TYR A 791 31.56 2.94 3.99
N ASP A 792 31.83 2.31 2.85
CA ASP A 792 32.79 1.22 2.76
C ASP A 792 34.19 1.73 2.39
N VAL A 793 35.11 1.61 3.33
CA VAL A 793 36.50 2.04 3.15
C VAL A 793 37.41 0.86 3.43
N GLY A 794 37.72 0.10 2.38
CA GLY A 794 38.55 -1.11 2.50
C GLY A 794 37.89 -2.19 3.34
N GLY A 795 36.57 -2.33 3.21
CA GLY A 795 35.82 -3.35 3.94
C GLY A 795 35.57 -3.00 5.39
N PHE A 796 36.04 -1.83 5.81
CA PHE A 796 35.83 -1.32 7.16
C PHE A 796 34.97 -0.05 7.10
N PRO A 797 34.34 0.31 8.22
CA PRO A 797 33.43 1.46 8.25
C PRO A 797 34.15 2.81 8.18
N GLY A 798 33.72 3.66 7.25
CA GLY A 798 34.20 5.03 7.19
C GLY A 798 33.53 5.91 8.22
N PRO A 799 33.84 7.22 8.20
CA PRO A 799 33.21 8.19 9.11
C PRO A 799 31.69 8.11 9.08
N LYS A 800 31.03 8.42 10.19
CA LYS A 800 29.56 8.49 10.27
C LYS A 800 28.82 7.24 9.75
N CYS A 801 29.48 6.08 9.80
CA CYS A 801 28.90 4.86 9.25
C CYS A 801 27.68 4.43 10.05
N PRO A 802 26.50 4.38 9.39
CA PRO A 802 25.31 3.92 10.13
C PRO A 802 25.52 2.53 10.72
N PHE A 803 24.87 2.27 11.85
CA PHE A 803 25.01 1.02 12.62
C PHE A 803 24.69 -0.20 11.78
N HIS A 804 23.60 -0.13 11.03
CA HIS A 804 23.17 -1.28 10.25
C HIS A 804 24.15 -1.53 9.09
N ILE A 805 24.76 -0.46 8.58
CA ILE A 805 25.74 -0.58 7.49
C ILE A 805 27.03 -1.19 8.02
N ARG A 806 27.44 -0.77 9.21
CA ARG A 806 28.55 -1.40 9.90
C ARG A 806 28.36 -2.93 9.98
N GLY A 807 27.13 -3.34 10.32
CA GLY A 807 26.78 -4.75 10.37
C GLY A 807 26.98 -5.45 9.04
N ILE A 808 26.57 -4.81 7.95
CA ILE A 808 26.75 -5.37 6.60
C ILE A 808 28.24 -5.51 6.25
N LEU A 809 29.01 -4.47 6.55
CA LEU A 809 30.45 -4.52 6.30
C LEU A 809 31.11 -5.62 7.12
N THR A 810 30.62 -5.84 8.34
CA THR A 810 31.12 -6.94 9.18
C THR A 810 30.81 -8.26 8.47
N TYR A 811 29.56 -8.42 8.06
CA TYR A 811 29.13 -9.59 7.29
C TYR A 811 29.99 -9.84 6.06
N ASN A 812 30.28 -8.79 5.28
CA ASN A 812 31.03 -8.95 4.03
C ASN A 812 32.45 -9.46 4.26
N ARG A 813 33.13 -8.92 5.27
CA ARG A 813 34.46 -9.41 5.67
C ARG A 813 34.39 -10.85 6.14
N ALA A 814 33.35 -11.20 6.90
CA ALA A 814 33.21 -12.57 7.41
C ALA A 814 32.94 -13.58 6.31
N ILE A 815 32.32 -13.16 5.21
CA ILE A 815 32.07 -14.08 4.08
C ILE A 815 32.95 -13.86 2.84
N LYS A 816 34.03 -13.07 2.95
CA LYS A 816 34.82 -12.74 1.77
C LYS A 816 35.40 -13.99 1.14
N GLY A 817 35.52 -13.98 -0.20
CA GLY A 817 36.02 -15.12 -0.94
C GLY A 817 35.10 -16.31 -0.77
N ASN A 818 33.83 -16.11 -1.14
CA ASN A 818 32.82 -17.14 -1.01
C ASN A 818 31.71 -16.89 -2.02
N ILE A 819 31.70 -17.64 -3.10
CA ILE A 819 30.79 -17.39 -4.23
C ILE A 819 29.32 -17.74 -3.94
N ASP A 820 29.08 -18.65 -3.00
CA ASP A 820 27.70 -19.10 -2.70
C ASP A 820 27.12 -18.51 -1.40
N ALA A 821 27.83 -17.60 -0.74
CA ALA A 821 27.31 -16.92 0.44
C ALA A 821 26.32 -15.86 -0.02
N PRO A 822 25.10 -15.84 0.55
CA PRO A 822 24.16 -14.78 0.17
C PRO A 822 24.79 -13.40 0.31
N GLN A 823 24.69 -12.60 -0.74
CA GLN A 823 25.19 -11.24 -0.71
C GLN A 823 24.06 -10.35 -0.24
N VAL A 824 24.41 -9.33 0.52
CA VAL A 824 23.45 -8.30 0.87
C VAL A 824 23.21 -7.43 -0.38
N VAL A 825 21.94 -7.12 -0.63
CA VAL A 825 21.55 -6.34 -1.79
C VAL A 825 21.29 -4.88 -1.39
N GLU A 826 22.06 -3.97 -2.00
CA GLU A 826 21.87 -2.53 -1.90
C GLU A 826 20.40 -2.12 -2.00
N GLY A 827 19.93 -1.34 -1.03
CA GLY A 827 18.56 -0.82 -1.05
C GLY A 827 17.49 -1.75 -0.48
N GLU A 828 17.87 -2.98 -0.13
CA GLU A 828 16.93 -3.96 0.42
C GLU A 828 17.16 -4.12 1.93
N LYS A 829 16.28 -4.86 2.60
CA LYS A 829 16.35 -4.96 4.06
C LYS A 829 17.30 -6.04 4.60
N VAL A 830 17.84 -5.78 5.79
CA VAL A 830 18.74 -6.69 6.46
C VAL A 830 18.29 -6.88 7.90
N TYR A 831 18.53 -8.09 8.43
CA TYR A 831 18.43 -8.37 9.85
C TYR A 831 19.71 -7.87 10.46
N VAL A 832 19.63 -7.41 11.72
CA VAL A 832 20.76 -6.83 12.44
C VAL A 832 20.80 -7.35 13.89
N LEU A 833 21.98 -7.74 14.34
CA LEU A 833 22.19 -8.19 15.71
C LEU A 833 23.45 -7.55 16.29
N PRO A 834 23.40 -7.14 17.57
CA PRO A 834 24.60 -6.66 18.25
C PRO A 834 25.52 -7.82 18.66
N LEU A 835 26.82 -7.55 18.74
CA LEU A 835 27.83 -8.57 19.08
C LEU A 835 28.63 -8.15 20.33
N ARG A 836 28.81 -9.08 21.25
CA ARG A 836 29.55 -8.82 22.48
C ARG A 836 31.02 -8.52 22.23
N GLU A 837 31.63 -7.88 23.23
CA GLU A 837 33.03 -7.52 23.22
C GLU A 837 33.94 -8.70 22.90
N GLY A 838 34.90 -8.48 22.00
CA GLY A 838 35.94 -9.46 21.72
C GLY A 838 35.44 -10.69 20.99
N ASN A 839 34.66 -10.47 19.95
CA ASN A 839 34.09 -11.53 19.14
C ASN A 839 34.93 -11.71 17.89
N PRO A 840 34.86 -12.88 17.24
CA PRO A 840 35.61 -13.17 16.01
C PRO A 840 35.45 -12.13 14.91
N PHE A 841 34.28 -11.51 14.80
CA PHE A 841 33.98 -10.67 13.62
C PHE A 841 34.63 -9.31 13.69
N GLY A 842 35.28 -9.01 14.82
CA GLY A 842 36.00 -7.76 14.98
C GLY A 842 35.12 -6.53 14.82
N ASP A 843 33.90 -6.59 15.35
CA ASP A 843 33.05 -5.41 15.42
C ASP A 843 31.78 -5.63 16.22
N LYS A 844 31.03 -4.54 16.39
CA LYS A 844 29.95 -4.51 17.37
C LYS A 844 28.60 -4.98 16.85
N CYS A 845 28.47 -5.18 15.54
CA CYS A 845 27.22 -5.71 14.98
C CYS A 845 27.46 -6.47 13.70
N ILE A 846 26.45 -7.24 13.33
CA ILE A 846 26.47 -7.94 12.06
C ILE A 846 25.07 -7.95 11.47
N ALA A 847 25.01 -7.89 10.16
CA ALA A 847 23.77 -7.80 9.43
C ALA A 847 23.77 -8.76 8.23
N TRP A 848 22.63 -9.34 7.91
CA TRP A 848 22.50 -10.21 6.73
C TRP A 848 21.12 -10.02 6.10
N PRO A 849 20.92 -10.51 4.87
CA PRO A 849 19.64 -10.26 4.19
C PRO A 849 18.42 -10.70 5.01
N SER A 850 17.41 -9.84 5.11
CA SER A 850 16.26 -10.12 5.93
C SER A 850 15.40 -11.20 5.29
N GLY A 851 14.57 -11.84 6.11
CA GLY A 851 13.76 -12.98 5.70
C GLY A 851 14.53 -14.27 5.50
N THR A 852 15.83 -14.29 5.80
CA THR A 852 16.64 -15.48 5.61
C THR A 852 17.40 -15.93 6.85
N GLU A 853 17.85 -17.18 6.80
CA GLU A 853 18.80 -17.72 7.75
C GLU A 853 20.17 -17.21 7.37
N ILE A 854 20.99 -16.92 8.37
CA ILE A 854 22.36 -16.53 8.10
C ILE A 854 23.13 -17.79 7.71
N THR A 855 23.91 -17.68 6.64
CA THR A 855 24.68 -18.79 6.08
C THR A 855 25.37 -19.62 7.17
N ASP A 856 25.34 -20.94 7.02
CA ASP A 856 25.85 -21.85 8.07
C ASP A 856 27.33 -21.66 8.41
N LEU A 857 28.11 -21.11 7.46
CA LEU A 857 29.52 -20.77 7.70
C LEU A 857 29.74 -20.03 9.04
N ILE A 858 28.89 -19.04 9.32
CA ILE A 858 29.07 -18.15 10.48
C ILE A 858 27.92 -18.15 11.50
N LYS A 859 26.88 -18.95 11.25
CA LYS A 859 25.70 -18.96 12.11
C LYS A 859 26.04 -19.26 13.57
N ASP A 860 26.68 -20.40 13.80
CA ASP A 860 27.02 -20.84 15.15
C ASP A 860 27.81 -19.76 15.92
N ASP A 861 28.70 -19.07 15.24
CA ASP A 861 29.48 -17.99 15.85
C ASP A 861 28.59 -16.80 16.18
N VAL A 862 27.74 -16.40 15.24
CA VAL A 862 26.79 -15.33 15.52
C VAL A 862 25.92 -15.66 16.72
N LEU A 863 25.37 -16.88 16.78
CA LEU A 863 24.57 -17.28 17.94
C LEU A 863 25.34 -17.19 19.25
N HIS A 864 26.63 -17.51 19.18
CA HIS A 864 27.50 -17.56 20.35
C HIS A 864 27.91 -16.17 20.85
N TRP A 865 28.09 -15.21 19.93
CA TRP A 865 28.52 -13.84 20.28
C TRP A 865 27.39 -12.80 20.29
N MET A 866 26.20 -13.22 19.86
CA MET A 866 24.97 -12.45 20.05
C MET A 866 24.92 -11.79 21.43
N ASP A 867 24.67 -10.47 21.44
CA ASP A 867 24.60 -9.72 22.69
C ASP A 867 23.16 -9.51 23.15
N TYR A 868 22.63 -10.48 23.91
CA TYR A 868 21.26 -10.45 24.34
C TYR A 868 20.97 -9.26 25.24
N THR A 869 21.94 -8.82 26.03
CA THR A 869 21.71 -7.70 26.95
C THR A 869 21.48 -6.39 26.17
N VAL A 870 22.39 -6.09 25.23
CA VAL A 870 22.30 -4.88 24.42
C VAL A 870 20.99 -4.86 23.64
N LEU A 871 20.73 -5.98 22.98
CA LEU A 871 19.49 -6.24 22.25
C LEU A 871 18.25 -5.97 23.11
N LEU A 872 18.19 -6.58 24.29
CA LEU A 872 17.03 -6.41 25.17
C LEU A 872 16.87 -4.96 25.56
N GLU A 873 17.99 -4.31 25.84
CA GLU A 873 17.98 -2.95 26.33
C GLU A 873 17.49 -1.96 25.29
N LYS A 874 17.85 -2.18 24.03
CA LYS A 874 17.52 -1.21 22.96
C LYS A 874 16.16 -1.39 22.34
N THR A 875 15.69 -2.62 22.24
CA THR A 875 14.51 -2.91 21.45
C THR A 875 13.27 -3.01 22.34
N PHE A 876 13.47 -3.33 23.62
CA PHE A 876 12.37 -3.65 24.51
C PHE A 876 12.27 -2.71 25.72
N ILE A 877 13.29 -2.73 26.57
CA ILE A 877 13.30 -1.92 27.80
C ILE A 877 13.23 -0.41 27.53
N LYS A 878 14.08 0.10 26.66
CA LYS A 878 13.99 1.52 26.27
C LYS A 878 12.56 1.89 25.82
N PRO A 879 12.00 1.15 24.84
CA PRO A 879 10.66 1.59 24.46
C PRO A 879 9.69 1.48 25.64
N LEU A 880 9.70 0.36 26.34
CA LEU A 880 8.81 0.18 27.47
C LEU A 880 8.94 1.26 28.55
N GLU A 881 10.17 1.68 28.82
CA GLU A 881 10.42 2.77 29.77
C GLU A 881 9.66 4.03 29.27
N GLY A 882 9.82 4.30 27.97
CA GLY A 882 9.03 5.32 27.29
C GLY A 882 7.52 5.19 27.48
N PHE A 883 6.96 3.99 27.31
CA PHE A 883 5.51 3.82 27.44
C PHE A 883 5.11 4.05 28.87
N THR A 884 5.87 3.46 29.79
CA THR A 884 5.47 3.44 31.18
C THR A 884 5.59 4.76 31.87
N SER A 885 6.65 5.52 31.60
CA SER A 885 6.82 6.81 32.23
C SER A 885 5.70 7.72 31.74
N ALA A 886 5.45 7.72 30.44
CA ALA A 886 4.36 8.50 29.87
C ALA A 886 3.03 8.20 30.58
N ALA A 887 2.79 6.90 30.85
CA ALA A 887 1.57 6.46 31.52
C ALA A 887 1.65 6.53 33.05
N LYS A 888 2.77 7.05 33.57
CA LYS A 888 2.95 7.26 35.02
C LYS A 888 2.77 5.95 35.77
N LEU A 889 3.63 5.00 35.42
CA LEU A 889 3.43 3.62 35.79
C LEU A 889 4.79 2.93 35.85
N ASP A 890 4.92 1.89 36.66
CA ASP A 890 6.21 1.23 36.87
C ASP A 890 6.22 -0.19 36.32
N TYR A 891 7.21 -0.51 35.49
CA TYR A 891 7.30 -1.85 34.94
C TYR A 891 7.95 -2.85 35.89
N GLU A 892 8.68 -2.35 36.89
CA GLU A 892 9.22 -3.18 37.98
C GLU A 892 8.66 -2.72 39.31
N LYS A 893 8.33 -3.65 40.20
CA LYS A 893 7.71 -3.25 41.45
C LYS A 893 8.66 -2.41 42.32
N LYS A 894 8.16 -1.27 42.77
CA LYS A 894 8.89 -0.40 43.69
C LYS A 894 8.72 -0.92 45.12
N ALA A 895 9.65 -0.56 46.00
CA ALA A 895 9.61 -1.00 47.39
C ALA A 895 8.51 -0.30 48.17
N SER A 896 7.92 -1.00 49.14
CA SER A 896 6.96 -0.41 50.08
C SER A 896 7.26 -0.90 51.49
N LEU A 897 6.45 -0.46 52.45
CA LEU A 897 6.60 -0.83 53.85
C LEU A 897 6.18 -2.28 54.12
N PHE A 898 5.32 -2.83 53.28
CA PHE A 898 4.90 -4.22 53.45
C PHE A 898 6.02 -5.23 53.20
N ASP A 899 7.10 -4.76 52.59
CA ASP A 899 8.30 -5.56 52.39
C ASP A 899 8.93 -6.03 53.70
N MET A 900 8.58 -5.38 54.81
CA MET A 900 9.14 -5.72 56.12
C MET A 900 8.57 -6.98 56.79
N PHE A 901 7.65 -7.68 56.10
CA PHE A 901 7.01 -8.86 56.67
C PHE A 901 7.35 -10.11 55.85
PG ATP D . -10.66 8.58 5.74
O1G ATP D . -10.16 9.17 7.02
O2G ATP D . -12.03 9.02 5.36
O3G ATP D . -10.44 7.08 5.61
PB ATP D . -8.81 10.57 4.77
O1B ATP D . -8.41 11.06 3.40
O2B ATP D . -9.42 11.47 5.78
O3B ATP D . -9.72 9.23 4.60
PA ATP D . -6.62 9.99 6.67
O1A ATP D . -5.67 8.83 6.80
O2A ATP D . -7.57 10.34 7.79
O3A ATP D . -7.45 9.82 5.31
O5' ATP D . -5.65 11.23 6.37
C5' ATP D . -6.12 12.56 6.52
C4' ATP D . -5.56 13.42 5.39
O4' ATP D . -4.12 13.42 5.40
C3' ATP D . -5.96 12.92 4.01
O3' ATP D . -7.27 13.34 3.60
C2' ATP D . -4.87 13.53 3.16
C1' ATP D . -3.64 13.35 4.05
N9 ATP D . -3.04 12.04 3.71
C8 ATP D . -3.11 10.88 4.40
N7 ATP D . -2.45 9.89 3.75
C5 ATP D . -1.96 10.39 2.63
C6 ATP D . -1.15 9.91 1.49
N6 ATP D . -0.74 8.62 1.42
N1 ATP D . -0.84 10.79 0.52
C2 ATP D . -1.23 12.07 0.58
N3 ATP D . -1.95 12.59 1.59
C4 ATP D . -2.33 11.82 2.61
CA CA E . -9.83 11.25 7.94
CA CA F . -7.42 10.93 10.46
CA CA G . -25.17 -21.64 18.60
CA CA H . -14.71 7.93 9.51
CA CA I . 13.02 -19.91 -7.26
#